data_5M7O
#
_entry.id   5M7O
#
_cell.length_a   124.778
_cell.length_b   191.228
_cell.length_c   111.850
_cell.angle_alpha   90.00
_cell.angle_beta   90.00
_cell.angle_gamma   90.00
#
_symmetry.space_group_name_H-M   'C 2 2 21'
#
loop_
_entity.id
_entity.type
_entity.pdbx_description
1 polymer 'Nitrogen assimilation regulatory protein'
2 non-polymer 'MAGNESIUM ION'
3 water water
#
_entity_poly.entity_id   1
_entity_poly.type   'polypeptide(L)'
_entity_poly.pdbx_seq_one_letter_code
;GMAADILVVDDEVDIRDLVAGILSDEGHETRTAFDADSALAAINDRAPRLVFLDIWLQGSRLDGLALLDEIKKQHPELPV
VMISGHGNIETAVSAIRRGAYDFIEKPFKADRLILVAERALETSKLKREVSDLRKRTGDQLELVGTSLAMNQLRQTIERV
APTNSRIMITGPSGAGKELVARAIHAQSSRANGPFVTVNAATITPERMEIELFGTEMDGGERKVGALEEAHGGILYLDEV
ADMPRETQNKILRVLVDQQFERVGGTKRVKVDVRIISSTAQNLEGMIAEGTFREDLFHRLSVVPVQVPALAARREDIPSL
VEFFMKQIAEQAGIKPRKIGPDAMAVLQAHSWPGNLRQLRNNVERLMILTRGDDPDELVTADLLPAEIGDTLPRAPTESD
QHIMALPLREARERFEKEYLIAQINRFGGNISRTAEFVGMERSALHRKLKSLGV
;
_entity_poly.pdbx_strand_id   A,B
#
# COMPACT_ATOMS: atom_id res chain seq x y z
N MET A 2 4.81 -13.55 19.55
CA MET A 2 4.91 -14.65 18.52
C MET A 2 5.52 -15.96 19.07
N ALA A 3 4.69 -17.01 19.23
CA ALA A 3 5.18 -18.40 19.27
C ALA A 3 5.40 -18.89 17.84
N ALA A 4 6.39 -19.75 17.68
CA ALA A 4 6.97 -20.06 16.39
C ALA A 4 7.56 -21.45 16.42
N ASP A 5 7.67 -22.00 15.22
CA ASP A 5 8.23 -23.31 14.97
C ASP A 5 9.72 -23.04 14.64
N ILE A 6 10.60 -23.39 15.61
CA ILE A 6 12.04 -23.15 15.59
C ILE A 6 12.82 -24.50 15.49
N LEU A 7 13.53 -24.65 14.38
CA LEU A 7 14.53 -25.68 14.19
C LEU A 7 15.89 -25.29 14.83
N VAL A 8 16.45 -26.19 15.61
CA VAL A 8 17.71 -26.00 16.27
C VAL A 8 18.68 -27.03 15.73
N VAL A 9 19.80 -26.54 15.18
CA VAL A 9 20.76 -27.39 14.53
C VAL A 9 22.10 -27.15 15.20
N ASP A 10 22.60 -28.17 15.89
CA ASP A 10 23.89 -28.13 16.57
C ASP A 10 24.45 -29.53 16.71
N ASP A 11 25.76 -29.67 16.44
CA ASP A 11 26.48 -30.95 16.57
C ASP A 11 26.60 -31.49 18.00
N GLU A 12 26.34 -30.67 19.01
CA GLU A 12 26.45 -31.10 20.40
C GLU A 12 25.10 -31.32 20.99
N VAL A 13 24.88 -32.54 21.44
CA VAL A 13 23.66 -32.89 22.13
C VAL A 13 23.31 -31.91 23.23
N ASP A 14 24.29 -31.44 23.99
CA ASP A 14 24.04 -30.60 25.16
C ASP A 14 23.54 -29.18 24.74
N ILE A 15 24.05 -28.65 23.64
CA ILE A 15 23.61 -27.37 23.11
C ILE A 15 22.20 -27.43 22.53
N ARG A 16 21.88 -28.46 21.74
CA ARG A 16 20.51 -28.60 21.23
C ARG A 16 19.58 -28.67 22.43
N ASP A 17 19.98 -29.45 23.43
CA ASP A 17 19.10 -29.64 24.55
C ASP A 17 18.82 -28.30 25.23
N LEU A 18 19.88 -27.57 25.55
CA LEU A 18 19.82 -26.25 26.19
C LEU A 18 18.92 -25.29 25.45
N VAL A 19 19.13 -25.20 24.13
CA VAL A 19 18.42 -24.25 23.29
C VAL A 19 16.97 -24.64 23.19
N ALA A 20 16.70 -25.87 22.71
CA ALA A 20 15.31 -26.31 22.54
C ALA A 20 14.52 -26.20 23.84
N GLY A 21 15.13 -26.55 24.96
CA GLY A 21 14.48 -26.39 26.27
C GLY A 21 14.15 -24.96 26.69
N ILE A 22 15.09 -24.01 26.51
CA ILE A 22 14.79 -22.62 26.83
C ILE A 22 13.69 -22.09 25.93
N LEU A 23 13.79 -22.40 24.63
CA LEU A 23 12.77 -21.98 23.66
C LEU A 23 11.41 -22.58 23.99
N SER A 24 11.36 -23.86 24.35
CA SER A 24 10.10 -24.52 24.78
C SER A 24 9.48 -23.86 26.00
N ASP A 25 10.28 -23.60 27.04
CA ASP A 25 9.78 -22.96 28.29
C ASP A 25 9.09 -21.66 28.01
N GLU A 26 9.59 -20.98 27.00
CA GLU A 26 9.04 -19.73 26.49
C GLU A 26 7.77 -19.87 25.63
N GLY A 27 7.48 -21.08 25.14
CA GLY A 27 6.22 -21.36 24.44
C GLY A 27 6.37 -21.76 22.99
N HIS A 28 7.58 -21.72 22.45
CA HIS A 28 7.80 -22.11 21.05
C HIS A 28 7.67 -23.61 20.86
N GLU A 29 7.46 -24.02 19.63
CA GLU A 29 7.48 -25.42 19.23
C GLU A 29 8.87 -25.69 18.65
N THR A 30 9.62 -26.62 19.23
CA THR A 30 10.98 -26.89 18.78
C THR A 30 11.18 -28.20 18.06
N ARG A 31 12.06 -28.19 17.07
CA ARG A 31 12.61 -29.41 16.49
C ARG A 31 14.11 -29.29 16.42
N THR A 32 14.78 -30.45 16.45
CA THR A 32 16.24 -30.49 16.51
C THR A 32 16.86 -31.44 15.49
N ALA A 33 18.10 -31.12 15.20
CA ALA A 33 18.90 -31.81 14.20
C ALA A 33 20.40 -31.55 14.55
N PHE A 34 21.26 -32.34 13.93
CA PHE A 34 22.67 -32.38 14.30
C PHE A 34 23.64 -32.37 13.12
N ASP A 35 23.16 -32.43 11.90
CA ASP A 35 24.03 -32.37 10.71
C ASP A 35 23.21 -31.90 9.52
N ALA A 36 23.80 -31.82 8.34
CA ALA A 36 23.06 -31.33 7.18
C ALA A 36 21.84 -32.20 6.86
N ASP A 37 22.05 -33.51 6.71
CA ASP A 37 20.98 -34.42 6.27
C ASP A 37 19.76 -34.37 7.18
N SER A 38 20.01 -34.35 8.50
CA SER A 38 18.91 -34.22 9.47
C SER A 38 18.29 -32.82 9.41
N ALA A 39 19.09 -31.77 9.26
CA ALA A 39 18.55 -30.39 9.17
C ALA A 39 17.68 -30.19 7.92
N LEU A 40 18.16 -30.66 6.77
CA LEU A 40 17.39 -30.57 5.51
C LEU A 40 16.13 -31.45 5.46
N ALA A 41 16.17 -32.61 6.09
CA ALA A 41 14.99 -33.47 6.21
C ALA A 41 13.96 -32.79 7.07
N ALA A 42 14.39 -32.15 8.17
CA ALA A 42 13.43 -31.42 9.02
C ALA A 42 12.77 -30.28 8.24
N ILE A 43 13.54 -29.60 7.39
CA ILE A 43 13.04 -28.50 6.59
C ILE A 43 12.07 -29.02 5.51
N ASN A 44 12.41 -30.13 4.88
CA ASN A 44 11.50 -30.84 3.97
C ASN A 44 10.19 -31.37 4.64
N ASP A 45 10.26 -31.84 5.90
CA ASP A 45 9.05 -32.33 6.61
C ASP A 45 8.11 -31.14 6.70
N ARG A 46 8.67 -29.99 7.08
CA ARG A 46 7.93 -28.75 7.20
C ARG A 46 8.90 -27.57 7.29
N ALA A 47 8.55 -26.44 6.72
CA ALA A 47 9.44 -25.30 6.70
C ALA A 47 9.30 -24.64 8.04
N PRO A 48 10.41 -24.43 8.77
CA PRO A 48 10.21 -23.77 10.07
C PRO A 48 10.17 -22.29 9.91
N ARG A 49 9.82 -21.63 11.00
CA ARG A 49 9.77 -20.18 11.04
C ARG A 49 11.15 -19.53 11.30
N LEU A 50 12.09 -20.29 11.85
CA LEU A 50 13.40 -19.77 12.32
C LEU A 50 14.35 -20.93 12.56
N VAL A 51 15.62 -20.71 12.24
CA VAL A 51 16.63 -21.72 12.42
C VAL A 51 17.75 -21.13 13.28
N PHE A 52 18.09 -21.83 14.36
CA PHE A 52 19.38 -21.70 15.01
C PHE A 52 20.32 -22.74 14.42
N LEU A 53 21.53 -22.31 14.06
CA LEU A 53 22.50 -23.13 13.30
C LEU A 53 23.93 -22.96 13.82
N ASP A 54 24.53 -24.07 14.24
CA ASP A 54 25.91 -24.19 14.73
C ASP A 54 26.81 -23.77 13.61
N ILE A 55 27.69 -22.81 13.87
CA ILE A 55 28.51 -22.26 12.79
C ILE A 55 29.50 -23.25 12.23
N TRP A 56 29.97 -24.18 13.06
CA TRP A 56 30.95 -25.18 12.62
C TRP A 56 30.35 -26.47 12.12
N LEU A 57 29.45 -27.06 12.91
CA LEU A 57 28.74 -28.29 12.52
C LEU A 57 29.68 -29.48 12.15
N GLN A 58 30.37 -30.01 13.17
CA GLN A 58 31.35 -31.10 12.99
C GLN A 58 30.59 -32.41 12.70
N GLY A 59 31.19 -33.29 11.93
CA GLY A 59 30.62 -34.59 11.58
C GLY A 59 29.48 -34.54 10.56
N SER A 60 29.50 -33.53 9.68
CA SER A 60 28.42 -33.32 8.74
C SER A 60 28.88 -33.30 7.30
N ARG A 61 28.00 -33.74 6.43
CA ARG A 61 28.26 -33.68 5.01
C ARG A 61 28.61 -32.25 4.63
N LEU A 62 27.80 -31.29 5.07
CA LEU A 62 28.06 -29.85 4.86
C LEU A 62 28.37 -29.21 6.20
N ASP A 63 29.47 -28.45 6.30
CA ASP A 63 29.70 -27.63 7.52
C ASP A 63 28.59 -26.54 7.68
N GLY A 64 28.57 -25.90 8.84
CA GLY A 64 27.57 -24.87 9.16
C GLY A 64 27.43 -23.77 8.11
N LEU A 65 28.55 -23.29 7.56
CA LEU A 65 28.51 -22.25 6.56
C LEU A 65 27.90 -22.74 5.29
N ALA A 66 28.31 -23.93 4.85
CA ALA A 66 27.76 -24.52 3.61
C ALA A 66 26.29 -24.91 3.75
N LEU A 67 25.90 -25.32 4.95
CA LEU A 67 24.52 -25.57 5.28
C LEU A 67 23.70 -24.28 5.26
N LEU A 68 24.30 -23.18 5.76
CA LEU A 68 23.67 -21.87 5.63
C LEU A 68 23.40 -21.49 4.15
N ASP A 69 24.33 -21.76 3.24
CA ASP A 69 24.10 -21.49 1.81
C ASP A 69 22.88 -22.26 1.29
N GLU A 70 22.80 -23.55 1.62
CA GLU A 70 21.70 -24.39 1.16
C GLU A 70 20.37 -23.99 1.76
N ILE A 71 20.31 -23.69 3.05
CA ILE A 71 19.05 -23.28 3.66
C ILE A 71 18.50 -22.00 3.00
N LYS A 72 19.41 -21.06 2.77
CA LYS A 72 19.09 -19.77 2.21
C LYS A 72 18.70 -19.89 0.75
N LYS A 73 19.35 -20.80 0.04
CA LYS A 73 18.96 -21.04 -1.33
C LYS A 73 17.51 -21.54 -1.32
N GLN A 74 17.18 -22.46 -0.43
CA GLN A 74 15.87 -23.09 -0.42
C GLN A 74 14.80 -22.14 0.06
N HIS A 75 15.08 -21.46 1.18
CA HIS A 75 14.18 -20.50 1.82
C HIS A 75 14.87 -19.16 2.08
N PRO A 76 14.91 -18.30 1.06
CA PRO A 76 15.58 -16.97 1.13
C PRO A 76 15.15 -16.06 2.27
N GLU A 77 13.95 -16.22 2.81
CA GLU A 77 13.46 -15.30 3.83
C GLU A 77 13.39 -15.95 5.18
N LEU A 78 13.84 -17.19 5.29
CA LEU A 78 13.78 -17.91 6.55
C LEU A 78 14.92 -17.39 7.43
N PRO A 79 14.62 -16.71 8.53
CA PRO A 79 15.79 -16.20 9.25
C PRO A 79 16.57 -17.30 9.94
N VAL A 80 17.90 -17.14 9.94
CA VAL A 80 18.86 -18.06 10.53
C VAL A 80 19.75 -17.27 11.51
N VAL A 81 19.69 -17.61 12.78
CA VAL A 81 20.62 -17.14 13.80
C VAL A 81 21.71 -18.20 14.07
N MET A 82 22.97 -17.77 14.02
CA MET A 82 24.09 -18.69 14.19
C MET A 82 24.42 -18.88 15.64
N ILE A 83 24.86 -20.08 15.98
CA ILE A 83 25.44 -20.34 17.31
C ILE A 83 26.94 -20.38 17.06
N SER A 84 27.65 -19.48 17.71
CA SER A 84 29.10 -19.36 17.57
C SER A 84 29.77 -19.53 18.91
N GLY A 85 31.07 -19.75 18.83
CA GLY A 85 31.96 -19.91 19.99
C GLY A 85 32.73 -18.66 20.32
N HIS A 86 33.26 -18.62 21.54
CA HIS A 86 34.10 -17.53 22.01
C HIS A 86 35.21 -17.35 20.97
N GLY A 87 35.49 -16.09 20.60
CA GLY A 87 36.50 -15.75 19.58
C GLY A 87 36.23 -16.09 18.11
N ASN A 88 35.00 -16.48 17.75
CA ASN A 88 34.69 -16.86 16.36
C ASN A 88 34.12 -15.70 15.52
N ILE A 89 34.26 -14.47 16.00
CA ILE A 89 33.57 -13.33 15.41
C ILE A 89 33.78 -13.24 13.92
N GLU A 90 35.01 -13.45 13.44
CA GLU A 90 35.27 -13.29 12.00
C GLU A 90 34.40 -14.23 11.17
N THR A 91 34.27 -15.46 11.64
CA THR A 91 33.43 -16.43 10.99
C THR A 91 31.94 -16.06 11.13
N ALA A 92 31.52 -15.67 12.33
CA ALA A 92 30.16 -15.17 12.53
C ALA A 92 29.82 -14.04 11.54
N VAL A 93 30.71 -13.06 11.43
CA VAL A 93 30.55 -11.96 10.48
C VAL A 93 30.37 -12.53 9.07
N SER A 94 31.23 -13.47 8.70
CA SER A 94 31.15 -14.07 7.37
C SER A 94 29.83 -14.81 7.16
N ALA A 95 29.31 -15.39 8.24
CA ALA A 95 28.01 -16.04 8.14
C ALA A 95 26.90 -15.01 7.83
N ILE A 96 26.99 -13.83 8.44
CA ILE A 96 26.05 -12.76 8.19
C ILE A 96 26.09 -12.33 6.73
N ARG A 97 27.30 -12.19 6.16
CA ARG A 97 27.42 -11.87 4.72
C ARG A 97 26.78 -12.92 3.83
N ARG A 98 26.75 -14.17 4.29
CA ARG A 98 26.17 -15.26 3.52
C ARG A 98 24.71 -15.53 3.77
N GLY A 99 24.07 -14.70 4.60
CA GLY A 99 22.60 -14.65 4.76
C GLY A 99 22.04 -14.79 6.15
N ALA A 100 22.87 -15.06 7.13
CA ALA A 100 22.40 -15.20 8.50
C ALA A 100 21.93 -13.85 9.02
N TYR A 101 20.92 -13.87 9.87
CA TYR A 101 20.41 -12.65 10.40
C TYR A 101 21.27 -12.12 11.55
N ASP A 102 21.77 -12.98 12.42
CA ASP A 102 22.53 -12.53 13.61
C ASP A 102 23.20 -13.76 14.22
N PHE A 103 23.85 -13.61 15.37
CA PHE A 103 24.43 -14.74 16.04
C PHE A 103 24.42 -14.54 17.53
N ILE A 104 24.58 -15.65 18.22
CA ILE A 104 24.71 -15.68 19.67
C ILE A 104 25.95 -16.56 19.92
N GLU A 105 26.68 -16.20 20.94
CA GLU A 105 28.00 -16.71 21.22
C GLU A 105 27.93 -17.47 22.54
N LYS A 106 28.40 -18.73 22.52
CA LYS A 106 28.48 -19.53 23.73
C LYS A 106 29.59 -18.97 24.61
N PRO A 107 29.50 -19.14 25.92
CA PRO A 107 28.33 -19.68 26.63
C PRO A 107 27.22 -18.66 26.79
N PHE A 108 25.99 -19.14 26.87
CA PHE A 108 24.83 -18.27 27.10
C PHE A 108 23.83 -18.97 27.95
N LYS A 109 23.03 -18.17 28.65
CA LYS A 109 21.89 -18.64 29.43
C LYS A 109 20.58 -18.18 28.76
N ALA A 110 19.46 -18.44 29.40
CA ALA A 110 18.15 -18.23 28.81
C ALA A 110 17.85 -16.80 28.32
N ASP A 111 17.89 -15.82 29.23
CA ASP A 111 17.53 -14.43 28.87
C ASP A 111 18.18 -13.98 27.57
N ARG A 112 19.47 -14.21 27.44
CA ARG A 112 20.20 -13.74 26.27
C ARG A 112 19.69 -14.48 25.02
N LEU A 113 19.46 -15.78 25.11
CA LEU A 113 18.93 -16.55 23.97
C LEU A 113 17.53 -16.12 23.61
N ILE A 114 16.68 -15.84 24.60
CA ILE A 114 15.31 -15.40 24.31
C ILE A 114 15.31 -14.09 23.48
N LEU A 115 16.10 -13.11 23.95
CA LEU A 115 16.17 -11.81 23.27
C LEU A 115 16.57 -11.96 21.79
N VAL A 116 17.52 -12.86 21.49
CA VAL A 116 18.01 -13.04 20.12
C VAL A 116 16.92 -13.62 19.25
N ALA A 117 16.25 -14.65 19.78
CA ALA A 117 15.04 -15.25 19.13
C ALA A 117 13.97 -14.23 18.86
N GLU A 118 13.56 -13.52 19.90
CA GLU A 118 12.46 -12.51 19.83
C GLU A 118 12.74 -11.46 18.78
N ARG A 119 13.95 -10.91 18.80
CA ARG A 119 14.37 -9.92 17.81
C ARG A 119 14.31 -10.49 16.42
N ALA A 120 14.81 -11.69 16.24
CA ALA A 120 14.87 -12.27 14.90
C ALA A 120 13.44 -12.55 14.33
N LEU A 121 12.54 -12.96 15.23
CA LEU A 121 11.17 -13.24 14.89
C LEU A 121 10.47 -11.92 14.54
N GLU A 122 10.58 -10.94 15.44
CA GLU A 122 10.04 -9.60 15.18
C GLU A 122 10.45 -9.01 13.84
N THR A 123 11.73 -9.05 13.54
CA THR A 123 12.24 -8.37 12.35
C THR A 123 11.73 -9.07 11.11
N SER A 124 11.70 -10.40 11.16
CA SER A 124 11.18 -11.23 10.10
C SER A 124 9.67 -11.00 9.92
N LYS A 125 8.96 -10.89 11.03
CA LYS A 125 7.56 -10.54 11.02
C LYS A 125 7.31 -9.20 10.32
N LEU A 126 8.07 -8.17 10.68
CA LEU A 126 7.87 -6.86 10.10
C LEU A 126 8.16 -6.87 8.63
N LYS A 127 9.23 -7.54 8.21
CA LYS A 127 9.54 -7.61 6.78
C LYS A 127 8.37 -8.12 5.96
N ARG A 128 7.67 -9.12 6.49
CA ARG A 128 6.52 -9.68 5.80
C ARG A 128 5.31 -8.80 5.95
N GLU A 129 5.04 -8.36 7.16
CA GLU A 129 3.90 -7.51 7.44
C GLU A 129 3.94 -6.21 6.66
N VAL A 130 5.12 -5.67 6.37
CA VAL A 130 5.24 -4.51 5.47
C VAL A 130 4.73 -4.86 4.09
N SER A 131 5.30 -5.89 3.49
CA SER A 131 5.04 -6.19 2.08
C SER A 131 3.58 -6.62 1.90
N ASP A 132 3.04 -7.29 2.91
CA ASP A 132 1.60 -7.64 3.01
C ASP A 132 0.69 -6.39 3.16
N LEU A 133 1.00 -5.49 4.10
CA LEU A 133 0.25 -4.22 4.25
C LEU A 133 0.39 -3.29 3.06
N ARG A 134 1.48 -3.42 2.31
CA ARG A 134 1.71 -2.70 1.07
C ARG A 134 0.75 -3.19 -0.02
N LYS A 135 0.68 -4.51 -0.19
CA LYS A 135 -0.26 -5.14 -1.15
C LYS A 135 -1.70 -4.82 -0.77
N ARG A 136 -2.00 -4.82 0.53
CA ARG A 136 -3.37 -4.54 1.01
C ARG A 136 -3.80 -3.07 1.03
N THR A 137 -2.87 -2.13 0.87
CA THR A 137 -3.27 -0.73 0.61
C THR A 137 -3.61 -0.50 -0.88
N GLY A 138 -2.75 -0.99 -1.78
CA GLY A 138 -2.76 -0.60 -3.19
C GLY A 138 -2.27 0.84 -3.36
N LEU A 143 5.74 4.54 -11.03
CA LEU A 143 5.62 5.24 -12.32
C LEU A 143 5.49 4.26 -13.47
N VAL A 144 4.28 4.15 -13.99
CA VAL A 144 4.00 3.27 -15.12
C VAL A 144 3.94 4.08 -16.41
N GLY A 145 4.39 3.51 -17.53
CA GLY A 145 4.00 4.01 -18.86
C GLY A 145 5.16 4.04 -19.83
N THR A 146 4.89 3.95 -21.13
CA THR A 146 5.91 4.03 -22.18
C THR A 146 5.63 5.20 -23.14
N SER A 147 4.80 6.17 -22.72
CA SER A 147 4.48 7.32 -23.57
C SER A 147 5.67 8.24 -23.79
N LEU A 148 5.61 8.97 -24.89
CA LEU A 148 6.51 10.11 -25.12
C LEU A 148 6.63 10.93 -23.84
N ALA A 149 5.51 11.35 -23.26
CA ALA A 149 5.56 12.20 -22.07
C ALA A 149 6.23 11.50 -20.89
N MET A 150 5.91 10.24 -20.65
CA MET A 150 6.48 9.52 -19.52
C MET A 150 7.97 9.24 -19.72
N ASN A 151 8.41 9.01 -20.94
CA ASN A 151 9.85 8.91 -21.17
C ASN A 151 10.52 10.25 -20.87
N GLN A 152 9.92 11.34 -21.32
CA GLN A 152 10.44 12.64 -20.99
C GLN A 152 10.60 12.84 -19.49
N LEU A 153 9.63 12.38 -18.73
CA LEU A 153 9.67 12.60 -17.30
C LEU A 153 10.83 11.80 -16.62
N ARG A 154 11.00 10.55 -17.01
CA ARG A 154 12.14 9.74 -16.53
C ARG A 154 13.49 10.32 -16.88
N GLN A 155 13.62 10.80 -18.11
CA GLN A 155 14.82 11.47 -18.56
C GLN A 155 15.06 12.76 -17.74
N THR A 156 14.00 13.52 -17.50
CA THR A 156 14.10 14.70 -16.66
C THR A 156 14.52 14.32 -15.22
N ILE A 157 13.88 13.32 -14.63
CA ILE A 157 14.25 12.88 -13.25
C ILE A 157 15.75 12.61 -13.17
N GLU A 158 16.31 11.98 -14.18
CA GLU A 158 17.71 11.61 -14.20
C GLU A 158 18.66 12.83 -14.28
N ARG A 159 18.35 13.77 -15.16
CA ARG A 159 19.13 15.02 -15.32
C ARG A 159 19.10 15.92 -14.09
N VAL A 160 18.00 15.85 -13.35
CA VAL A 160 17.73 16.74 -12.26
C VAL A 160 18.21 16.19 -10.92
N ALA A 161 18.15 14.89 -10.74
CA ALA A 161 18.43 14.28 -9.44
C ALA A 161 19.81 14.58 -8.87
N PRO A 162 20.83 14.65 -9.74
CA PRO A 162 22.16 14.93 -9.22
C PRO A 162 22.44 16.37 -8.81
N THR A 163 21.54 17.31 -9.06
CA THR A 163 21.78 18.68 -8.59
C THR A 163 21.70 18.71 -7.07
N ASN A 164 22.24 19.76 -6.47
CA ASN A 164 22.03 20.02 -5.03
C ASN A 164 20.83 20.99 -4.85
N SER A 165 20.43 21.62 -5.96
CA SER A 165 19.44 22.71 -6.00
C SER A 165 18.02 22.25 -5.66
N ARG A 166 17.20 23.19 -5.19
CA ARG A 166 15.76 22.93 -4.87
C ARG A 166 14.88 22.73 -6.11
N ILE A 167 14.00 21.73 -6.02
CA ILE A 167 13.14 21.32 -7.11
C ILE A 167 11.72 21.77 -6.76
N MET A 168 11.03 22.32 -7.74
CA MET A 168 9.59 22.47 -7.72
C MET A 168 8.98 21.58 -8.79
N ILE A 169 8.22 20.59 -8.32
CA ILE A 169 7.45 19.71 -9.18
C ILE A 169 6.08 20.35 -9.42
N THR A 170 5.73 20.51 -10.69
CA THR A 170 4.49 21.15 -11.09
C THR A 170 3.69 20.21 -11.94
N GLY A 171 2.43 20.06 -11.58
CA GLY A 171 1.55 19.19 -12.32
C GLY A 171 0.20 19.13 -11.68
N PRO A 172 -0.79 18.67 -12.47
CA PRO A 172 -2.16 18.63 -12.02
C PRO A 172 -2.40 17.62 -10.92
N SER A 173 -3.47 17.86 -10.19
CA SER A 173 -3.78 17.06 -9.02
C SER A 173 -4.18 15.63 -9.41
N GLY A 174 -3.69 14.71 -8.61
CA GLY A 174 -3.87 13.31 -8.87
C GLY A 174 -2.91 12.78 -9.90
N ALA A 175 -2.03 13.62 -10.49
CA ALA A 175 -0.90 13.08 -11.23
C ALA A 175 0.04 12.60 -10.11
N GLY A 176 1.04 11.79 -10.45
CA GLY A 176 1.81 11.16 -9.36
C GLY A 176 3.05 11.93 -8.94
N LYS A 177 2.87 13.12 -8.37
CA LYS A 177 3.94 14.00 -8.01
C LYS A 177 4.78 13.45 -6.87
N GLU A 178 4.15 12.94 -5.81
CA GLU A 178 4.93 12.29 -4.75
C GLU A 178 5.87 11.20 -5.30
N LEU A 179 5.42 10.41 -6.26
CA LEU A 179 6.27 9.35 -6.82
C LEU A 179 7.46 9.95 -7.56
N VAL A 180 7.24 11.06 -8.23
CA VAL A 180 8.29 11.79 -8.91
C VAL A 180 9.31 12.25 -7.88
N ALA A 181 8.84 12.86 -6.82
CA ALA A 181 9.71 13.22 -5.71
C ALA A 181 10.56 12.02 -5.28
N ARG A 182 9.94 10.87 -5.01
CA ARG A 182 10.67 9.69 -4.51
C ARG A 182 11.63 9.09 -5.55
N ALA A 183 11.30 9.12 -6.84
CA ALA A 183 12.24 8.68 -7.86
C ALA A 183 13.45 9.62 -7.90
N ILE A 184 13.23 10.93 -7.68
CA ILE A 184 14.34 11.90 -7.63
C ILE A 184 15.24 11.62 -6.42
N HIS A 185 14.61 11.40 -5.28
CA HIS A 185 15.34 11.08 -4.06
C HIS A 185 16.18 9.80 -4.30
N ALA A 186 15.55 8.76 -4.80
CA ALA A 186 16.26 7.52 -5.06
C ALA A 186 17.50 7.66 -5.99
N GLN A 187 17.47 8.54 -7.00
CA GLN A 187 18.64 8.73 -7.85
C GLN A 187 19.63 9.78 -7.34
N SER A 188 19.27 10.48 -6.27
CA SER A 188 20.12 11.52 -5.72
C SER A 188 21.23 10.94 -4.87
N SER A 189 22.11 11.84 -4.46
CA SER A 189 23.10 11.61 -3.43
C SER A 189 22.55 11.57 -2.00
N ARG A 190 21.24 11.80 -1.83
CA ARG A 190 20.59 11.67 -0.53
C ARG A 190 19.68 10.45 -0.50
N ALA A 191 19.86 9.54 -1.46
CA ALA A 191 19.10 8.28 -1.52
C ALA A 191 19.11 7.41 -0.26
N ASN A 192 20.17 7.52 0.53
CA ASN A 192 20.28 6.76 1.78
C ASN A 192 19.91 7.58 2.99
N GLY A 193 19.38 8.77 2.78
CA GLY A 193 18.85 9.58 3.86
C GLY A 193 17.34 9.57 3.88
N PRO A 194 16.75 10.22 4.88
CA PRO A 194 15.28 10.18 5.00
C PRO A 194 14.54 10.89 3.90
N PHE A 195 13.35 10.41 3.57
CA PHE A 195 12.43 11.14 2.72
C PHE A 195 11.24 11.48 3.59
N VAL A 196 10.96 12.77 3.79
CA VAL A 196 9.82 13.11 4.65
C VAL A 196 8.76 13.89 3.88
N THR A 197 7.47 13.53 4.04
CA THR A 197 6.37 14.27 3.41
C THR A 197 5.54 15.05 4.42
N VAL A 198 5.14 16.26 3.99
CA VAL A 198 4.20 17.13 4.69
C VAL A 198 3.14 17.47 3.65
N ASN A 199 1.90 17.01 3.84
CA ASN A 199 0.80 17.46 2.94
C ASN A 199 0.07 18.66 3.54
N ALA A 200 0.48 19.84 3.08
CA ALA A 200 -0.06 21.14 3.53
C ALA A 200 -1.60 21.22 3.51
N ALA A 201 -2.22 20.68 2.46
CA ALA A 201 -3.70 20.59 2.35
C ALA A 201 -4.36 19.81 3.50
N THR A 202 -3.76 18.67 3.85
CA THR A 202 -4.33 17.75 4.85
C THR A 202 -4.19 18.24 6.29
N ILE A 203 -3.07 18.89 6.60
CA ILE A 203 -2.83 19.34 7.98
C ILE A 203 -3.68 20.57 8.29
N THR A 204 -4.39 20.50 9.42
CA THR A 204 -5.15 21.63 9.93
C THR A 204 -4.14 22.77 10.11
N PRO A 205 -4.39 23.99 9.59
CA PRO A 205 -3.34 25.01 9.72
C PRO A 205 -2.99 25.36 11.18
N GLU A 206 -3.89 25.03 12.11
CA GLU A 206 -3.63 25.09 13.56
C GLU A 206 -2.38 24.27 13.94
N ARG A 207 -2.28 23.06 13.37
CA ARG A 207 -1.21 22.10 13.65
C ARG A 207 0.00 22.16 12.68
N MET A 208 0.05 23.14 11.79
CA MET A 208 1.04 23.16 10.71
C MET A 208 2.43 23.53 11.20
N GLU A 209 2.51 24.48 12.12
CA GLU A 209 3.78 24.83 12.75
C GLU A 209 4.38 23.60 13.47
N ILE A 210 3.58 22.96 14.31
CA ILE A 210 4.00 21.80 15.08
C ILE A 210 4.42 20.64 14.15
N GLU A 211 3.60 20.32 13.16
CA GLU A 211 3.96 19.31 12.17
C GLU A 211 5.31 19.55 11.50
N LEU A 212 5.61 20.81 11.22
CA LEU A 212 6.85 21.16 10.50
C LEU A 212 8.07 21.26 11.40
N PHE A 213 7.90 21.93 12.55
CA PHE A 213 9.00 22.36 13.41
C PHE A 213 9.08 21.67 14.76
N GLY A 214 8.05 20.90 15.10
CA GLY A 214 8.09 20.04 16.31
C GLY A 214 7.82 20.84 17.57
N THR A 215 7.68 20.18 18.71
CA THR A 215 7.44 20.88 19.96
C THR A 215 7.64 19.96 21.14
N GLU A 216 7.80 20.52 22.34
CA GLU A 216 7.85 19.77 23.59
C GLU A 216 6.42 19.65 24.12
N MET A 217 5.84 18.45 24.05
CA MET A 217 4.51 18.21 24.62
C MET A 217 4.50 18.31 26.16
N ASP A 218 3.31 18.29 26.75
CA ASP A 218 3.12 18.51 28.20
C ASP A 218 3.83 17.49 29.09
N GLY A 219 3.71 16.22 28.70
CA GLY A 219 4.43 15.15 29.40
C GLY A 219 5.93 15.37 29.60
N GLY A 220 6.56 16.06 28.66
CA GLY A 220 8.01 16.02 28.46
C GLY A 220 8.34 15.27 27.18
N GLU A 221 7.36 14.55 26.62
CA GLU A 221 7.56 13.82 25.39
C GLU A 221 7.78 14.86 24.30
N ARG A 222 8.74 14.61 23.42
CA ARG A 222 9.03 15.54 22.33
C ARG A 222 8.51 15.02 20.97
N LYS A 223 7.95 15.95 20.19
CA LYS A 223 7.44 15.65 18.87
C LYS A 223 8.42 16.21 17.87
N VAL A 224 9.03 15.35 17.07
CA VAL A 224 10.00 15.76 16.10
C VAL A 224 9.25 16.27 14.85
N GLY A 225 9.45 17.53 14.49
CA GLY A 225 8.81 18.10 13.31
C GLY A 225 9.45 17.52 12.07
N ALA A 226 8.81 17.71 10.92
CA ALA A 226 9.28 17.13 9.67
C ALA A 226 10.68 17.58 9.23
N LEU A 227 10.94 18.87 9.40
CA LEU A 227 12.22 19.43 9.05
C LEU A 227 13.33 18.77 9.79
N GLU A 228 13.13 18.60 11.08
CA GLU A 228 14.13 17.95 11.90
C GLU A 228 14.28 16.46 11.50
N GLU A 229 13.15 15.79 11.30
CA GLU A 229 13.18 14.41 10.88
C GLU A 229 13.87 14.26 9.53
N ALA A 230 13.79 15.30 8.69
CA ALA A 230 14.39 15.27 7.33
C ALA A 230 15.92 15.43 7.26
N HIS A 231 16.52 15.83 8.39
CA HIS A 231 17.98 16.00 8.48
C HIS A 231 18.81 14.94 7.77
N GLY A 232 19.67 15.36 6.88
CA GLY A 232 20.49 14.45 6.07
C GLY A 232 19.84 14.00 4.77
N GLY A 233 18.57 14.35 4.61
CA GLY A 233 17.73 13.84 3.51
C GLY A 233 16.93 14.89 2.75
N ILE A 234 15.73 14.50 2.34
CA ILE A 234 14.89 15.36 1.55
C ILE A 234 13.56 15.46 2.22
N LEU A 235 13.03 16.68 2.22
CA LEU A 235 11.72 16.96 2.74
C LEU A 235 10.86 17.37 1.56
N TYR A 236 9.72 16.71 1.39
CA TYR A 236 8.78 16.96 0.30
C TYR A 236 7.61 17.75 0.85
N LEU A 237 7.52 19.03 0.42
CA LEU A 237 6.42 19.94 0.75
C LEU A 237 5.39 19.85 -0.38
N ASP A 238 4.38 19.05 -0.09
CA ASP A 238 3.30 18.72 -1.00
C ASP A 238 2.30 19.88 -0.99
N GLU A 239 1.98 20.37 -2.17
CA GLU A 239 1.10 21.54 -2.37
C GLU A 239 1.42 22.70 -1.43
N VAL A 240 2.55 23.34 -1.68
CA VAL A 240 3.02 24.45 -0.86
C VAL A 240 2.04 25.63 -0.79
N ALA A 241 1.34 25.89 -1.88
CA ALA A 241 0.28 26.88 -1.96
C ALA A 241 -0.67 26.96 -0.77
N ASP A 242 -0.95 25.83 -0.13
CA ASP A 242 -1.88 25.84 0.99
C ASP A 242 -1.22 26.23 2.32
N MET A 243 0.00 26.73 2.27
CA MET A 243 0.69 27.15 3.44
C MET A 243 0.31 28.55 3.86
N PRO A 244 0.06 28.72 5.16
CA PRO A 244 -0.19 30.03 5.73
C PRO A 244 1.03 30.95 5.57
N ARG A 245 0.77 32.24 5.47
CA ARG A 245 1.80 33.23 5.25
C ARG A 245 2.83 33.26 6.40
N GLU A 246 2.38 33.14 7.62
CA GLU A 246 3.30 33.09 8.77
C GLU A 246 4.24 31.90 8.65
N THR A 247 3.77 30.78 8.10
CA THR A 247 4.64 29.62 7.85
C THR A 247 5.57 29.86 6.65
N GLN A 248 5.03 30.45 5.58
CA GLN A 248 5.86 30.86 4.45
C GLN A 248 7.07 31.66 4.92
N ASN A 249 6.83 32.64 5.79
CA ASN A 249 7.90 33.56 6.24
C ASN A 249 8.98 32.75 6.94
N LYS A 250 8.57 31.86 7.83
CA LYS A 250 9.50 31.00 8.54
C LYS A 250 10.30 30.02 7.62
N ILE A 251 9.65 29.43 6.63
CA ILE A 251 10.36 28.58 5.66
C ILE A 251 11.45 29.33 4.90
N LEU A 252 11.16 30.55 4.51
CA LEU A 252 12.14 31.43 3.87
C LEU A 252 13.44 31.57 4.68
N ARG A 253 13.30 31.90 5.96
CA ARG A 253 14.46 31.97 6.87
C ARG A 253 15.21 30.64 6.90
N VAL A 254 14.45 29.54 7.05
CA VAL A 254 15.05 28.18 7.04
C VAL A 254 15.91 27.92 5.80
N LEU A 255 15.42 28.28 4.63
CA LEU A 255 16.16 28.06 3.38
C LEU A 255 17.53 28.67 3.41
N VAL A 256 17.68 29.81 4.10
CA VAL A 256 18.92 30.56 4.06
C VAL A 256 19.77 30.43 5.33
N ASP A 257 19.12 30.28 6.48
CA ASP A 257 19.83 30.07 7.73
C ASP A 257 20.16 28.60 7.89
N GLN A 258 19.39 27.71 7.25
CA GLN A 258 19.48 26.26 7.53
C GLN A 258 19.28 25.96 9.03
N GLN A 259 18.40 26.71 9.69
CA GLN A 259 18.13 26.61 11.13
C GLN A 259 16.72 27.03 11.47
N PHE A 260 16.22 26.56 12.61
CA PHE A 260 14.88 26.96 13.06
C PHE A 260 14.65 26.68 14.52
N GLU A 261 13.70 27.42 15.09
CA GLU A 261 13.21 27.22 16.45
C GLU A 261 11.95 26.31 16.42
N ARG A 262 11.86 25.41 17.38
CA ARG A 262 10.68 24.58 17.55
C ARG A 262 9.58 25.45 18.11
N VAL A 263 8.33 25.06 17.86
CA VAL A 263 7.20 25.73 18.45
C VAL A 263 7.37 25.69 19.98
N GLY A 264 7.46 26.87 20.58
CA GLY A 264 7.60 27.03 22.03
C GLY A 264 9.00 26.82 22.57
N GLY A 265 9.97 26.72 21.68
CA GLY A 265 11.35 26.45 22.06
C GLY A 265 12.27 27.63 21.79
N THR A 266 13.49 27.51 22.29
CA THR A 266 14.49 28.57 22.19
C THR A 266 15.77 28.15 21.47
N LYS A 267 16.08 26.85 21.51
CA LYS A 267 17.18 26.30 20.75
C LYS A 267 16.95 26.50 19.24
N ARG A 268 18.00 26.91 18.57
CA ARG A 268 18.04 26.97 17.12
C ARG A 268 18.62 25.65 16.64
N VAL A 269 17.78 24.84 16.02
CA VAL A 269 18.15 23.54 15.55
C VAL A 269 18.76 23.64 14.17
N LYS A 270 19.97 23.11 13.97
CA LYS A 270 20.61 23.17 12.65
C LYS A 270 20.22 21.95 11.90
N VAL A 271 19.88 22.08 10.62
CA VAL A 271 19.63 20.92 9.79
C VAL A 271 20.19 21.08 8.39
N ASP A 272 20.33 19.95 7.71
CA ASP A 272 20.88 19.86 6.38
C ASP A 272 19.83 19.08 5.55
N VAL A 273 18.87 19.83 5.01
CA VAL A 273 17.75 19.31 4.24
C VAL A 273 17.76 19.85 2.81
N ARG A 274 17.37 19.02 1.86
CA ARG A 274 17.12 19.45 0.51
C ARG A 274 15.60 19.37 0.36
N ILE A 275 14.98 20.52 0.13
CA ILE A 275 13.54 20.63 0.01
C ILE A 275 13.09 20.44 -1.44
N ILE A 276 12.17 19.50 -1.68
CA ILE A 276 11.48 19.36 -2.95
C ILE A 276 10.00 19.75 -2.70
N SER A 277 9.45 20.55 -3.59
CA SER A 277 8.13 21.13 -3.42
C SER A 277 7.30 20.73 -4.61
N SER A 278 5.99 20.78 -4.43
CA SER A 278 5.07 20.56 -5.52
C SER A 278 3.94 21.52 -5.44
N THR A 279 3.36 21.76 -6.61
CA THR A 279 2.13 22.53 -6.71
C THR A 279 1.41 22.22 -7.99
N ALA A 280 0.12 22.52 -8.02
CA ALA A 280 -0.69 22.50 -9.25
C ALA A 280 -0.79 23.82 -10.02
N GLN A 281 -0.26 24.92 -9.49
CA GLN A 281 -0.39 26.21 -10.24
C GLN A 281 0.92 26.88 -10.69
N ASN A 282 0.82 27.61 -11.79
CA ASN A 282 1.90 28.49 -12.26
C ASN A 282 2.13 29.67 -11.28
N LEU A 283 3.20 30.43 -11.53
CA LEU A 283 3.52 31.62 -10.72
C LEU A 283 2.42 32.69 -10.83
N GLU A 284 2.02 32.98 -12.08
CA GLU A 284 0.92 33.89 -12.38
C GLU A 284 -0.34 33.58 -11.53
N GLY A 285 -0.66 32.28 -11.48
CA GLY A 285 -1.76 31.77 -10.66
C GLY A 285 -1.61 32.08 -9.19
N MET A 286 -0.45 31.82 -8.60
CA MET A 286 -0.24 32.07 -7.14
C MET A 286 -0.28 33.55 -6.75
N ILE A 287 0.21 34.41 -7.64
CA ILE A 287 0.09 35.86 -7.49
C ILE A 287 -1.37 36.29 -7.47
N ALA A 288 -2.15 35.79 -8.42
CA ALA A 288 -3.57 36.15 -8.56
C ALA A 288 -4.42 35.64 -7.38
N GLU A 289 -4.20 34.39 -6.97
CA GLU A 289 -4.77 33.85 -5.73
C GLU A 289 -4.39 34.71 -4.52
N GLY A 290 -3.19 35.29 -4.53
CA GLY A 290 -2.72 36.21 -3.48
C GLY A 290 -2.11 35.58 -2.23
N THR A 291 -2.20 34.25 -2.13
CA THR A 291 -1.84 33.48 -0.94
C THR A 291 -0.34 33.39 -0.64
N PHE A 292 0.46 33.18 -1.71
CA PHE A 292 1.85 32.68 -1.63
C PHE A 292 2.87 33.67 -2.12
N ARG A 293 3.95 33.84 -1.38
CA ARG A 293 4.95 34.85 -1.68
C ARG A 293 5.78 34.47 -2.88
N GLU A 294 5.98 35.41 -3.77
CA GLU A 294 6.73 35.11 -4.97
C GLU A 294 8.22 34.90 -4.67
N ASP A 295 8.78 35.63 -3.70
CA ASP A 295 10.23 35.46 -3.45
C ASP A 295 10.52 34.01 -3.02
N LEU A 296 9.68 33.50 -2.12
CA LEU A 296 9.79 32.12 -1.70
C LEU A 296 9.57 31.18 -2.87
N PHE A 297 8.50 31.37 -3.61
CA PHE A 297 8.28 30.54 -4.77
C PHE A 297 9.52 30.41 -5.68
N HIS A 298 10.12 31.53 -6.02
CA HIS A 298 11.31 31.51 -6.83
C HIS A 298 12.41 30.66 -6.15
N ARG A 299 12.55 30.79 -4.83
CA ARG A 299 13.64 30.06 -4.15
C ARG A 299 13.35 28.57 -4.02
N LEU A 300 12.08 28.18 -3.98
CA LEU A 300 11.73 26.77 -3.93
C LEU A 300 11.69 26.16 -5.32
N SER A 301 11.87 26.96 -6.38
CA SER A 301 11.74 26.41 -7.74
C SER A 301 12.94 26.64 -8.62
N VAL A 302 14.14 26.47 -8.06
CA VAL A 302 15.36 26.71 -8.81
C VAL A 302 15.48 25.81 -10.03
N VAL A 303 15.10 24.54 -9.84
CA VAL A 303 15.00 23.57 -10.92
C VAL A 303 13.57 23.02 -11.03
N PRO A 304 12.95 23.17 -12.21
CA PRO A 304 11.57 22.70 -12.41
C PRO A 304 11.49 21.32 -13.02
N VAL A 305 10.48 20.59 -12.60
CA VAL A 305 10.07 19.32 -13.19
C VAL A 305 8.56 19.40 -13.43
N GLN A 306 8.14 19.18 -14.67
CA GLN A 306 6.73 19.19 -15.03
C GLN A 306 6.31 17.73 -15.08
N VAL A 307 5.26 17.41 -14.32
CA VAL A 307 4.62 16.09 -14.40
C VAL A 307 3.42 16.18 -15.36
N PRO A 308 3.44 15.46 -16.49
CA PRO A 308 2.42 15.63 -17.48
C PRO A 308 1.09 15.16 -17.00
N ALA A 309 0.04 15.83 -17.44
CA ALA A 309 -1.33 15.39 -17.16
C ALA A 309 -1.65 14.07 -17.87
N LEU A 310 -2.57 13.30 -17.32
CA LEU A 310 -2.99 12.07 -17.98
C LEU A 310 -3.49 12.28 -19.40
N ALA A 311 -4.10 13.41 -19.68
CA ALA A 311 -4.51 13.74 -21.06
C ALA A 311 -3.38 13.96 -22.07
N ALA A 312 -2.18 14.24 -21.57
CA ALA A 312 -0.98 14.39 -22.38
C ALA A 312 -0.24 13.05 -22.61
N ARG A 313 -0.76 11.99 -22.03
CA ARG A 313 -0.20 10.67 -22.22
C ARG A 313 -1.28 9.57 -22.25
N ARG A 314 -2.21 9.75 -23.20
CA ARG A 314 -3.36 8.88 -23.29
C ARG A 314 -2.99 7.46 -23.74
N GLU A 315 -1.90 7.39 -24.48
CA GLU A 315 -1.26 6.13 -24.90
C GLU A 315 -0.98 5.16 -23.75
N ASP A 316 -0.75 5.68 -22.54
CA ASP A 316 -0.55 4.86 -21.34
C ASP A 316 -1.81 4.40 -20.61
N ILE A 317 -2.99 4.86 -21.03
CA ILE A 317 -4.22 4.54 -20.31
C ILE A 317 -4.49 3.01 -20.29
N PRO A 318 -4.29 2.32 -21.44
CA PRO A 318 -4.48 0.89 -21.34
C PRO A 318 -3.54 0.22 -20.33
N SER A 319 -2.26 0.56 -20.30
CA SER A 319 -1.33 -0.05 -19.32
C SER A 319 -1.75 0.25 -17.86
N LEU A 320 -2.15 1.49 -17.61
CA LEU A 320 -2.62 1.97 -16.30
C LEU A 320 -3.92 1.32 -15.87
N VAL A 321 -4.86 1.16 -16.79
CA VAL A 321 -6.11 0.42 -16.53
C VAL A 321 -5.74 -0.99 -16.10
N GLU A 322 -4.97 -1.66 -16.95
CA GLU A 322 -4.47 -3.04 -16.71
C GLU A 322 -3.71 -3.14 -15.37
N PHE A 323 -2.88 -2.14 -15.09
CA PHE A 323 -2.13 -2.06 -13.85
C PHE A 323 -3.03 -1.85 -12.64
N PHE A 324 -3.99 -0.92 -12.73
CA PHE A 324 -4.86 -0.65 -11.59
C PHE A 324 -5.80 -1.80 -11.30
N MET A 325 -6.25 -2.52 -12.33
CA MET A 325 -7.05 -3.73 -12.09
C MET A 325 -6.35 -4.74 -11.21
N LYS A 326 -5.09 -5.04 -11.50
CA LYS A 326 -4.32 -5.99 -10.67
C LYS A 326 -4.14 -5.46 -9.27
N GLN A 327 -3.92 -4.17 -9.12
CA GLN A 327 -3.73 -3.59 -7.82
C GLN A 327 -5.02 -3.79 -7.04
N ILE A 328 -6.13 -3.42 -7.65
CA ILE A 328 -7.46 -3.50 -7.01
C ILE A 328 -7.81 -4.96 -6.73
N ALA A 329 -7.47 -5.84 -7.68
CA ALA A 329 -7.74 -7.27 -7.60
C ALA A 329 -7.09 -7.89 -6.38
N GLU A 330 -5.87 -7.45 -6.06
CA GLU A 330 -5.22 -7.86 -4.82
C GLU A 330 -5.85 -7.18 -3.62
N GLN A 331 -5.96 -5.85 -3.66
CA GLN A 331 -6.46 -5.07 -2.52
C GLN A 331 -7.89 -5.39 -2.05
N ALA A 332 -8.75 -5.84 -2.96
CA ALA A 332 -10.19 -6.04 -2.65
C ALA A 332 -10.76 -7.43 -2.98
N GLY A 333 -9.93 -8.37 -3.40
CA GLY A 333 -10.41 -9.74 -3.67
C GLY A 333 -11.36 -9.94 -4.85
N ILE A 334 -11.34 -9.00 -5.79
CA ILE A 334 -12.19 -9.03 -6.99
C ILE A 334 -11.37 -9.64 -8.14
N LYS A 335 -11.89 -10.68 -8.78
CA LYS A 335 -11.22 -11.26 -9.97
C LYS A 335 -11.04 -10.22 -11.07
N PRO A 336 -9.79 -10.06 -11.61
CA PRO A 336 -9.64 -9.06 -12.67
C PRO A 336 -10.36 -9.57 -13.92
N ARG A 337 -10.84 -8.65 -14.74
CA ARG A 337 -11.67 -8.97 -15.89
C ARG A 337 -11.07 -8.29 -17.07
N LYS A 338 -11.37 -8.75 -18.27
CA LYS A 338 -10.93 -8.01 -19.47
C LYS A 338 -11.89 -6.83 -19.64
N ILE A 339 -11.33 -5.62 -19.75
CA ILE A 339 -12.09 -4.47 -20.24
C ILE A 339 -12.24 -4.63 -21.76
N GLY A 340 -13.47 -4.54 -22.26
CA GLY A 340 -13.66 -4.60 -23.71
C GLY A 340 -12.96 -3.42 -24.40
N PRO A 341 -12.34 -3.64 -25.60
CA PRO A 341 -11.86 -2.52 -26.44
C PRO A 341 -12.83 -1.33 -26.56
N ASP A 342 -14.13 -1.60 -26.57
CA ASP A 342 -15.13 -0.53 -26.63
C ASP A 342 -15.02 0.39 -25.43
N ALA A 343 -15.10 -0.16 -24.23
CA ALA A 343 -14.96 0.65 -23.02
C ALA A 343 -13.55 1.28 -22.84
N MET A 344 -12.49 0.61 -23.32
CA MET A 344 -11.13 1.17 -23.32
C MET A 344 -11.02 2.46 -24.14
N ALA A 345 -11.68 2.49 -25.31
CA ALA A 345 -11.73 3.65 -26.16
C ALA A 345 -12.35 4.84 -25.45
N VAL A 346 -13.39 4.61 -24.70
CA VAL A 346 -13.98 5.71 -23.93
C VAL A 346 -12.98 6.17 -22.90
N LEU A 347 -12.52 5.25 -22.07
CA LEU A 347 -11.54 5.57 -21.03
C LEU A 347 -10.33 6.36 -21.63
N GLN A 348 -9.77 5.83 -22.71
CA GLN A 348 -8.63 6.47 -23.33
C GLN A 348 -8.94 7.87 -23.88
N ALA A 349 -10.16 8.06 -24.38
CA ALA A 349 -10.53 9.35 -24.98
C ALA A 349 -10.80 10.41 -23.95
N HIS A 350 -11.14 10.03 -22.73
CA HIS A 350 -11.53 11.01 -21.70
C HIS A 350 -10.26 11.80 -21.30
N SER A 351 -10.46 13.02 -20.77
CA SER A 351 -9.39 13.95 -20.39
C SER A 351 -9.00 13.90 -18.91
N TRP A 352 -9.69 13.09 -18.14
CA TRP A 352 -9.31 12.79 -16.77
C TRP A 352 -8.85 14.01 -15.99
N PRO A 353 -9.76 14.96 -15.72
CA PRO A 353 -9.40 16.14 -14.93
C PRO A 353 -8.82 15.82 -13.58
N GLY A 354 -9.18 14.67 -13.00
CA GLY A 354 -8.59 14.20 -11.73
C GLY A 354 -7.47 13.18 -11.93
N ASN A 355 -7.03 13.00 -13.17
CA ASN A 355 -5.83 12.22 -13.52
C ASN A 355 -5.78 10.79 -12.95
N LEU A 356 -4.63 10.34 -12.44
CA LEU A 356 -4.46 8.96 -12.02
C LEU A 356 -5.41 8.55 -10.93
N ARG A 357 -5.65 9.38 -9.92
CA ARG A 357 -6.66 9.05 -8.87
C ARG A 357 -8.05 8.82 -9.48
N GLN A 358 -8.44 9.71 -10.39
CA GLN A 358 -9.78 9.62 -10.97
C GLN A 358 -9.87 8.33 -11.77
N LEU A 359 -8.87 8.06 -12.61
CA LEU A 359 -8.85 6.83 -13.40
C LEU A 359 -8.93 5.58 -12.56
N ARG A 360 -8.15 5.54 -11.52
CA ARG A 360 -8.12 4.38 -10.66
C ARG A 360 -9.52 4.17 -10.04
N ASN A 361 -10.13 5.26 -9.60
CA ASN A 361 -11.38 5.20 -8.88
C ASN A 361 -12.46 4.69 -9.85
N ASN A 362 -12.41 5.14 -11.11
CA ASN A 362 -13.30 4.60 -12.13
C ASN A 362 -13.05 3.14 -12.52
N VAL A 363 -11.80 2.70 -12.54
CA VAL A 363 -11.54 1.27 -12.74
C VAL A 363 -12.07 0.49 -11.57
N GLU A 364 -11.85 0.96 -10.35
CA GLU A 364 -12.48 0.32 -9.16
C GLU A 364 -13.99 0.22 -9.32
N ARG A 365 -14.61 1.30 -9.76
CA ARG A 365 -16.03 1.34 -9.96
C ARG A 365 -16.48 0.21 -10.91
N LEU A 366 -15.86 0.14 -12.09
CA LEU A 366 -16.22 -0.86 -13.12
C LEU A 366 -16.15 -2.24 -12.56
N MET A 367 -15.05 -2.50 -11.85
CA MET A 367 -14.85 -3.80 -11.26
C MET A 367 -15.83 -4.18 -10.16
N ILE A 368 -16.24 -3.22 -9.34
CA ILE A 368 -17.32 -3.46 -8.37
C ILE A 368 -18.67 -3.74 -9.05
N LEU A 369 -18.99 -2.99 -10.11
CA LEU A 369 -20.27 -3.17 -10.83
C LEU A 369 -20.38 -4.43 -11.67
N THR A 370 -19.27 -5.02 -12.06
CA THR A 370 -19.28 -6.32 -12.74
C THR A 370 -18.80 -7.49 -11.85
N ARG A 371 -19.01 -7.42 -10.54
CA ARG A 371 -18.44 -8.41 -9.59
C ARG A 371 -19.03 -9.83 -9.69
N GLY A 372 -20.33 -9.93 -9.95
CA GLY A 372 -21.02 -11.24 -10.05
C GLY A 372 -21.42 -11.66 -11.46
N ASP A 373 -20.50 -11.52 -12.41
CA ASP A 373 -20.77 -11.76 -13.83
C ASP A 373 -19.99 -12.96 -14.35
N ASP A 374 -20.38 -13.46 -15.53
CA ASP A 374 -19.62 -14.47 -16.29
C ASP A 374 -18.16 -13.99 -16.46
N PRO A 375 -17.15 -14.82 -16.09
CA PRO A 375 -15.74 -14.43 -16.28
C PRO A 375 -15.28 -14.03 -17.71
N ASP A 376 -16.02 -14.47 -18.73
CA ASP A 376 -15.72 -14.15 -20.13
C ASP A 376 -16.31 -12.83 -20.61
N GLU A 377 -17.39 -12.39 -19.97
CA GLU A 377 -18.22 -11.29 -20.47
C GLU A 377 -17.53 -9.96 -20.29
N LEU A 378 -17.46 -9.19 -21.38
CA LEU A 378 -16.65 -7.98 -21.42
C LEU A 378 -17.31 -6.82 -20.71
N VAL A 379 -16.47 -6.02 -20.07
CA VAL A 379 -16.90 -4.80 -19.36
C VAL A 379 -17.22 -3.74 -20.41
N THR A 380 -18.35 -3.09 -20.22
CA THR A 380 -18.93 -2.19 -21.21
C THR A 380 -18.98 -0.76 -20.67
N ALA A 381 -19.06 0.20 -21.60
CA ALA A 381 -18.98 1.63 -21.29
C ALA A 381 -20.19 2.24 -20.53
N ASP A 382 -21.39 1.66 -20.73
CA ASP A 382 -22.64 2.10 -20.04
C ASP A 382 -22.64 2.04 -18.48
N LEU A 383 -21.60 1.45 -17.91
CA LEU A 383 -21.39 1.42 -16.47
C LEU A 383 -20.57 2.62 -15.95
N LEU A 384 -20.09 3.46 -16.87
CA LEU A 384 -19.32 4.65 -16.53
C LEU A 384 -20.25 5.78 -16.13
N PRO A 385 -19.87 6.58 -15.10
CA PRO A 385 -20.64 7.78 -14.71
C PRO A 385 -20.75 8.87 -15.79
N ALA A 386 -21.40 9.97 -15.40
CA ALA A 386 -21.83 11.01 -16.32
C ALA A 386 -20.64 11.85 -16.76
N GLU A 387 -19.86 12.28 -15.78
CA GLU A 387 -18.64 13.05 -15.99
C GLU A 387 -17.62 12.42 -16.96
N ILE A 388 -17.65 11.10 -17.12
CA ILE A 388 -16.79 10.44 -18.09
C ILE A 388 -17.48 10.42 -19.46
N GLY A 389 -18.65 9.78 -19.52
CA GLY A 389 -19.39 9.57 -20.78
C GLY A 389 -19.92 10.82 -21.47
N ASP A 390 -20.38 11.81 -20.68
CA ASP A 390 -21.09 13.01 -21.19
C ASP A 390 -20.22 14.19 -21.69
N THR A 391 -18.96 14.24 -21.28
CA THR A 391 -18.01 15.26 -21.75
C THR A 391 -17.46 14.97 -23.19
N LEU A 392 -17.63 13.73 -23.65
CA LEU A 392 -17.23 13.27 -24.98
C LEU A 392 -18.35 13.34 -26.04
N PRO A 393 -17.97 13.33 -27.33
CA PRO A 393 -18.98 13.23 -28.39
C PRO A 393 -19.81 11.99 -28.18
N ARG A 394 -21.11 12.13 -28.28
CA ARG A 394 -22.01 11.04 -27.92
C ARG A 394 -23.40 11.17 -28.51
N ALA A 395 -24.13 10.06 -28.39
CA ALA A 395 -25.56 9.99 -28.64
C ALA A 395 -26.28 11.04 -27.79
N PRO A 396 -26.97 12.01 -28.42
CA PRO A 396 -27.67 12.99 -27.60
C PRO A 396 -28.95 12.45 -26.94
N THR A 397 -29.52 13.31 -26.09
CA THR A 397 -30.70 12.99 -25.30
C THR A 397 -31.44 14.30 -25.08
N GLU A 398 -32.74 14.22 -24.82
CA GLU A 398 -33.56 15.39 -24.55
C GLU A 398 -32.89 16.41 -23.59
N SER A 399 -32.20 15.89 -22.56
CA SER A 399 -31.32 16.65 -21.64
C SER A 399 -30.39 17.75 -22.24
N ASP A 400 -29.86 17.50 -23.44
CA ASP A 400 -28.82 18.33 -24.09
C ASP A 400 -29.44 19.45 -24.96
N GLN A 401 -29.81 20.57 -24.34
CA GLN A 401 -30.59 21.62 -25.02
C GLN A 401 -29.96 22.09 -26.32
N HIS A 402 -28.64 22.23 -26.35
CA HIS A 402 -27.96 22.85 -27.50
C HIS A 402 -27.88 21.94 -28.74
N ILE A 403 -27.78 20.61 -28.56
CA ILE A 403 -27.94 19.68 -29.69
C ILE A 403 -29.39 19.73 -30.19
N MET A 404 -30.35 19.65 -29.27
CA MET A 404 -31.77 19.58 -29.64
C MET A 404 -32.30 20.83 -30.34
N ALA A 405 -31.59 21.94 -30.21
CA ALA A 405 -31.93 23.18 -30.91
C ALA A 405 -31.44 23.21 -32.37
N LEU A 406 -30.53 22.31 -32.72
CA LEU A 406 -30.00 22.20 -34.09
C LEU A 406 -30.77 21.21 -34.97
N PRO A 407 -31.06 21.58 -36.24
CA PRO A 407 -31.60 20.55 -37.14
C PRO A 407 -30.58 19.42 -37.43
N LEU A 408 -30.99 18.44 -38.21
CA LEU A 408 -30.23 17.20 -38.32
C LEU A 408 -28.83 17.42 -38.93
N ARG A 409 -28.76 18.05 -40.10
CA ARG A 409 -27.47 18.20 -40.77
C ARG A 409 -26.52 19.01 -39.92
N GLU A 410 -27.01 20.07 -39.30
CA GLU A 410 -26.14 20.92 -38.49
C GLU A 410 -25.66 20.13 -37.27
N ALA A 411 -26.56 19.33 -36.70
CA ALA A 411 -26.24 18.48 -35.56
C ALA A 411 -25.19 17.44 -35.95
N ARG A 412 -25.40 16.83 -37.11
CA ARG A 412 -24.50 15.79 -37.59
C ARG A 412 -23.10 16.34 -37.87
N GLU A 413 -23.02 17.49 -38.52
CA GLU A 413 -21.73 18.10 -38.84
C GLU A 413 -20.97 18.54 -37.57
N ARG A 414 -21.69 19.04 -36.58
CA ARG A 414 -21.08 19.37 -35.30
C ARG A 414 -20.52 18.10 -34.65
N PHE A 415 -21.31 17.04 -34.68
CA PHE A 415 -20.85 15.76 -34.21
C PHE A 415 -19.63 15.21 -34.94
N GLU A 416 -19.62 15.13 -36.27
CA GLU A 416 -18.41 14.70 -36.99
C GLU A 416 -17.17 15.45 -36.51
N LYS A 417 -17.27 16.75 -36.35
CA LYS A 417 -16.10 17.60 -35.98
C LYS A 417 -15.59 17.22 -34.61
N GLU A 418 -16.51 17.20 -33.64
CA GLU A 418 -16.22 16.87 -32.27
C GLU A 418 -15.64 15.45 -32.19
N TYR A 419 -16.21 14.55 -32.96
CA TYR A 419 -15.77 13.17 -32.97
C TYR A 419 -14.34 13.09 -33.44
N LEU A 420 -14.03 13.72 -34.56
CA LEU A 420 -12.72 13.60 -35.11
C LEU A 420 -11.64 14.25 -34.24
N ILE A 421 -11.93 15.43 -33.70
CA ILE A 421 -11.02 16.05 -32.75
C ILE A 421 -10.79 15.14 -31.54
N ALA A 422 -11.83 14.55 -31.00
CA ALA A 422 -11.70 13.67 -29.82
C ALA A 422 -10.91 12.40 -30.12
N GLN A 423 -11.06 11.87 -31.32
CA GLN A 423 -10.30 10.68 -31.71
C GLN A 423 -8.83 11.01 -31.98
N ILE A 424 -8.57 12.18 -32.55
CA ILE A 424 -7.21 12.64 -32.72
C ILE A 424 -6.51 12.68 -31.35
N ASN A 425 -7.15 13.38 -30.42
CA ASN A 425 -6.66 13.48 -29.09
C ASN A 425 -6.41 12.12 -28.43
N ARG A 426 -7.39 11.22 -28.55
CA ARG A 426 -7.30 9.84 -28.07
C ARG A 426 -6.03 9.13 -28.48
N PHE A 427 -5.65 9.24 -29.77
CA PHE A 427 -4.39 8.72 -30.30
C PHE A 427 -3.20 9.68 -30.18
N GLY A 428 -3.24 10.57 -29.20
CA GLY A 428 -2.16 11.49 -28.96
C GLY A 428 -1.65 12.26 -30.17
N GLY A 429 -2.55 12.56 -31.13
CA GLY A 429 -2.25 13.42 -32.29
C GLY A 429 -1.70 12.69 -33.47
N ASN A 430 -1.58 11.37 -33.34
CA ASN A 430 -1.03 10.57 -34.40
C ASN A 430 -2.09 10.43 -35.50
N ILE A 431 -1.93 11.20 -36.58
CA ILE A 431 -2.92 11.18 -37.64
C ILE A 431 -3.10 9.78 -38.27
N SER A 432 -2.01 9.08 -38.54
CA SER A 432 -2.06 7.79 -39.23
C SER A 432 -2.94 6.81 -38.47
N ARG A 433 -2.72 6.69 -37.16
CA ARG A 433 -3.49 5.80 -36.32
C ARG A 433 -4.94 6.23 -36.14
N THR A 434 -5.17 7.51 -35.88
CA THR A 434 -6.51 8.05 -35.87
C THR A 434 -7.28 7.65 -37.12
N ALA A 435 -6.66 7.87 -38.27
CA ALA A 435 -7.28 7.61 -39.57
C ALA A 435 -7.65 6.13 -39.68
N GLU A 436 -6.68 5.28 -39.36
CA GLU A 436 -6.86 3.83 -39.32
C GLU A 436 -8.07 3.47 -38.49
N PHE A 437 -8.19 4.00 -37.29
CA PHE A 437 -9.35 3.75 -36.46
C PHE A 437 -10.66 4.29 -37.03
N VAL A 438 -10.68 5.56 -37.42
CA VAL A 438 -11.95 6.20 -37.79
C VAL A 438 -12.47 5.64 -39.13
N GLY A 439 -11.65 4.93 -39.86
CA GLY A 439 -12.09 4.35 -41.12
C GLY A 439 -11.65 5.10 -42.35
N MET A 440 -10.70 6.02 -42.21
CA MET A 440 -10.24 6.86 -43.32
C MET A 440 -8.80 6.55 -43.73
N GLU A 441 -8.47 6.86 -44.98
CA GLU A 441 -7.09 6.96 -45.44
C GLU A 441 -6.51 8.35 -45.06
N ARG A 442 -5.18 8.41 -44.91
CA ARG A 442 -4.54 9.54 -44.21
C ARG A 442 -4.77 10.88 -44.82
N SER A 443 -4.48 11.03 -46.10
CA SER A 443 -4.67 12.31 -46.76
C SER A 443 -6.16 12.70 -46.75
N ALA A 444 -7.06 11.74 -46.91
CA ALA A 444 -8.48 12.02 -46.81
C ALA A 444 -8.78 12.63 -45.46
N LEU A 445 -8.20 12.12 -44.39
CA LEU A 445 -8.41 12.70 -43.03
C LEU A 445 -7.84 14.13 -42.96
N HIS A 446 -6.68 14.38 -43.55
CA HIS A 446 -6.11 15.74 -43.59
C HIS A 446 -7.08 16.67 -44.31
N ARG A 447 -7.58 16.23 -45.46
CA ARG A 447 -8.49 17.04 -46.26
C ARG A 447 -9.81 17.27 -45.54
N LYS A 448 -10.38 16.24 -44.92
CA LYS A 448 -11.62 16.44 -44.14
C LYS A 448 -11.46 17.42 -42.99
N LEU A 449 -10.31 17.42 -42.31
CA LEU A 449 -10.11 18.35 -41.18
C LEU A 449 -10.14 19.80 -41.66
N LYS A 450 -9.39 20.10 -42.72
CA LYS A 450 -9.43 21.45 -43.28
C LYS A 450 -10.88 21.83 -43.62
N SER A 451 -11.60 20.95 -44.29
CA SER A 451 -13.00 21.23 -44.67
C SER A 451 -13.96 21.58 -43.52
N LEU A 452 -13.60 21.22 -42.29
CA LEU A 452 -14.40 21.49 -41.09
C LEU A 452 -13.81 22.60 -40.19
N GLY A 453 -12.70 23.20 -40.60
CA GLY A 453 -11.99 24.20 -39.77
C GLY A 453 -10.82 23.66 -38.94
N MET B 2 19.73 3.69 5.92
CA MET B 2 21.14 3.31 5.61
C MET B 2 22.15 4.27 6.23
N ALA B 3 22.09 5.58 5.93
CA ALA B 3 22.98 6.55 6.63
C ALA B 3 22.22 7.33 7.70
N ALA B 4 22.85 7.62 8.83
CA ALA B 4 22.13 8.10 9.98
C ALA B 4 22.97 9.00 10.86
N ASP B 5 22.26 9.84 11.60
CA ASP B 5 22.80 10.78 12.54
C ASP B 5 22.75 9.99 13.83
N ILE B 6 23.92 9.49 14.26
CA ILE B 6 24.08 8.61 15.43
C ILE B 6 24.79 9.31 16.57
N LEU B 7 24.20 9.28 17.76
CA LEU B 7 24.80 9.86 18.99
C LEU B 7 25.44 8.79 19.88
N VAL B 8 26.75 8.92 20.13
CA VAL B 8 27.52 7.95 20.93
C VAL B 8 27.75 8.53 22.32
N VAL B 9 27.13 7.98 23.34
CA VAL B 9 27.33 8.44 24.73
C VAL B 9 28.13 7.41 25.51
N ASP B 10 29.35 7.76 25.92
CA ASP B 10 30.22 6.87 26.72
C ASP B 10 31.15 7.67 27.64
N ASP B 11 31.39 7.19 28.86
CA ASP B 11 32.29 7.93 29.79
C ASP B 11 33.79 7.76 29.52
N GLU B 12 34.16 7.03 28.49
CA GLU B 12 35.56 6.79 28.19
C GLU B 12 35.89 7.34 26.83
N VAL B 13 36.99 8.05 26.78
CA VAL B 13 37.39 8.80 25.60
C VAL B 13 37.74 7.84 24.47
N ASP B 14 38.36 6.74 24.83
CA ASP B 14 38.76 5.78 23.81
C ASP B 14 37.55 5.03 23.18
N ILE B 15 36.47 4.81 23.94
CA ILE B 15 35.28 4.16 23.37
C ILE B 15 34.55 5.11 22.41
N ARG B 16 34.24 6.33 22.86
CA ARG B 16 33.62 7.36 21.98
C ARG B 16 34.41 7.45 20.69
N ASP B 17 35.73 7.58 20.81
CA ASP B 17 36.58 7.69 19.64
C ASP B 17 36.48 6.45 18.80
N LEU B 18 36.53 5.29 19.42
CA LEU B 18 36.47 4.03 18.68
C LEU B 18 35.15 3.88 17.88
N VAL B 19 34.02 4.08 18.57
CA VAL B 19 32.71 3.88 17.98
C VAL B 19 32.44 4.90 16.88
N ALA B 20 32.67 6.17 17.23
CA ALA B 20 32.44 7.29 16.33
C ALA B 20 33.19 7.09 15.03
N GLY B 21 34.45 6.70 15.15
CA GLY B 21 35.33 6.48 13.99
C GLY B 21 34.91 5.35 13.07
N ILE B 22 34.53 4.21 13.66
CA ILE B 22 34.01 3.11 12.83
C ILE B 22 32.73 3.54 12.07
N LEU B 23 31.81 4.16 12.81
CA LEU B 23 30.53 4.59 12.25
C LEU B 23 30.71 5.64 11.15
N SER B 24 31.55 6.67 11.39
CA SER B 24 31.90 7.65 10.35
C SER B 24 32.48 6.96 9.14
N ASP B 25 33.47 6.09 9.38
CA ASP B 25 34.10 5.38 8.27
C ASP B 25 33.00 4.68 7.45
N GLU B 26 31.96 4.15 8.10
CA GLU B 26 30.85 3.53 7.36
C GLU B 26 29.96 4.44 6.54
N GLY B 27 29.93 5.73 6.86
CA GLY B 27 29.05 6.69 6.14
C GLY B 27 28.13 7.50 7.02
N HIS B 28 28.05 7.18 8.31
CA HIS B 28 27.12 7.86 9.21
C HIS B 28 27.68 9.19 9.65
N GLU B 29 26.88 9.94 10.36
CA GLU B 29 27.27 11.19 10.94
C GLU B 29 27.23 10.92 12.40
N THR B 30 28.29 11.31 13.10
CA THR B 30 28.43 10.94 14.53
C THR B 30 28.55 12.15 15.41
N ARG B 31 27.86 12.12 16.54
CA ARG B 31 27.99 13.11 17.60
C ARG B 31 28.32 12.36 18.88
N THR B 32 28.99 13.02 19.84
CA THR B 32 29.42 12.34 21.06
C THR B 32 29.06 13.12 22.29
N ALA B 33 28.94 12.40 23.39
CA ALA B 33 28.67 12.95 24.68
C ALA B 33 29.25 11.99 25.69
N PHE B 34 29.33 12.40 26.94
CA PHE B 34 30.07 11.61 27.99
C PHE B 34 29.32 11.54 29.31
N ASP B 35 28.15 12.15 29.38
CA ASP B 35 27.34 12.10 30.57
C ASP B 35 25.90 12.46 30.26
N ALA B 36 25.08 12.55 31.30
CA ALA B 36 23.67 12.83 31.16
C ALA B 36 23.45 14.21 30.52
N ASP B 37 23.96 15.28 31.15
CA ASP B 37 23.87 16.64 30.60
C ASP B 37 24.34 16.73 29.13
N SER B 38 25.54 16.26 28.84
CA SER B 38 26.05 16.40 27.49
C SER B 38 25.22 15.62 26.48
N ALA B 39 24.70 14.44 26.90
CA ALA B 39 23.81 13.62 26.01
C ALA B 39 22.46 14.27 25.75
N LEU B 40 21.81 14.71 26.81
CA LEU B 40 20.54 15.41 26.71
C LEU B 40 20.65 16.77 26.01
N ALA B 41 21.83 17.42 26.08
CA ALA B 41 22.06 18.66 25.33
C ALA B 41 22.21 18.37 23.83
N ALA B 42 22.90 17.29 23.50
CA ALA B 42 22.99 16.85 22.11
C ALA B 42 21.60 16.52 21.58
N ILE B 43 20.78 15.82 22.34
CA ILE B 43 19.45 15.44 21.87
C ILE B 43 18.60 16.69 21.62
N ASN B 44 18.67 17.61 22.56
CA ASN B 44 18.00 18.89 22.39
C ASN B 44 18.46 19.69 21.15
N ASP B 45 19.77 19.68 20.84
CA ASP B 45 20.33 20.37 19.66
C ASP B 45 19.69 19.86 18.37
N ARG B 46 19.62 18.52 18.27
CA ARG B 46 18.91 17.83 17.23
C ARG B 46 18.70 16.38 17.67
N ALA B 47 17.46 15.92 17.66
CA ALA B 47 17.18 14.50 17.86
C ALA B 47 17.95 13.68 16.84
N PRO B 48 18.77 12.73 17.30
CA PRO B 48 19.42 11.78 16.41
C PRO B 48 18.50 10.63 16.06
N ARG B 49 18.97 9.86 15.11
CA ARG B 49 18.28 8.72 14.62
C ARG B 49 18.55 7.47 15.44
N LEU B 50 19.74 7.37 16.04
CA LEU B 50 20.13 6.21 16.85
C LEU B 50 21.04 6.63 18.00
N VAL B 51 21.01 5.89 19.10
CA VAL B 51 21.83 6.21 20.29
C VAL B 51 22.57 4.97 20.77
N PHE B 52 23.89 5.10 20.93
CA PHE B 52 24.69 4.12 21.63
C PHE B 52 24.93 4.67 23.02
N LEU B 53 24.58 3.89 24.04
CA LEU B 53 24.60 4.36 25.42
C LEU B 53 25.36 3.40 26.33
N ASP B 54 26.42 3.94 26.93
CA ASP B 54 27.22 3.28 27.96
C ASP B 54 26.27 3.00 29.10
N ILE B 55 26.20 1.74 29.48
CA ILE B 55 25.22 1.29 30.46
C ILE B 55 25.52 1.74 31.90
N TRP B 56 26.79 1.98 32.22
CA TRP B 56 27.22 2.38 33.60
C TRP B 56 27.23 3.91 33.73
N LEU B 57 28.08 4.54 32.93
CA LEU B 57 28.14 6.01 32.83
C LEU B 57 28.43 6.69 34.18
N GLN B 58 29.66 6.48 34.66
CA GLN B 58 30.05 6.95 35.99
C GLN B 58 30.47 8.42 35.89
N GLY B 59 30.42 9.09 37.04
CA GLY B 59 30.65 10.54 37.11
C GLY B 59 29.56 11.36 36.41
N SER B 60 28.33 10.82 36.43
CA SER B 60 27.16 11.44 35.79
C SER B 60 26.00 11.56 36.79
N ARG B 61 25.18 12.59 36.59
CA ARG B 61 23.96 12.87 37.39
C ARG B 61 22.90 11.74 37.30
N LEU B 62 22.79 11.15 36.12
CA LEU B 62 22.03 9.93 35.87
C LEU B 62 22.99 8.78 35.48
N ASP B 63 22.81 7.61 36.09
CA ASP B 63 23.46 6.39 35.59
C ASP B 63 22.91 6.07 34.19
N GLY B 64 23.55 5.11 33.53
CA GLY B 64 23.22 4.77 32.15
C GLY B 64 21.77 4.34 31.95
N LEU B 65 21.22 3.57 32.89
CA LEU B 65 19.83 3.14 32.81
C LEU B 65 18.87 4.28 33.05
N ALA B 66 19.20 5.15 33.99
CA ALA B 66 18.39 6.32 34.28
C ALA B 66 18.33 7.28 33.09
N LEU B 67 19.43 7.39 32.37
CA LEU B 67 19.53 8.24 31.20
C LEU B 67 18.70 7.60 30.09
N LEU B 68 18.89 6.30 29.87
CA LEU B 68 18.02 5.55 28.97
C LEU B 68 16.54 5.88 29.22
N ASP B 69 16.11 5.85 30.48
CA ASP B 69 14.70 6.16 30.81
C ASP B 69 14.29 7.54 30.33
N GLU B 70 15.15 8.53 30.57
CA GLU B 70 14.88 9.88 30.17
C GLU B 70 14.87 10.02 28.65
N ILE B 71 15.80 9.37 27.96
CA ILE B 71 15.81 9.37 26.49
C ILE B 71 14.50 8.84 25.98
N LYS B 72 14.08 7.69 26.51
CA LYS B 72 12.86 7.03 26.06
C LYS B 72 11.59 7.82 26.35
N LYS B 73 11.55 8.47 27.50
CA LYS B 73 10.46 9.40 27.81
C LYS B 73 10.34 10.52 26.75
N GLN B 74 11.48 11.15 26.37
CA GLN B 74 11.51 12.23 25.36
C GLN B 74 11.24 11.78 23.93
N HIS B 75 11.83 10.66 23.55
CA HIS B 75 11.73 10.11 22.21
C HIS B 75 11.42 8.60 22.28
N PRO B 76 10.15 8.26 22.51
CA PRO B 76 9.79 6.84 22.67
C PRO B 76 10.24 5.94 21.52
N GLU B 77 10.20 6.44 20.29
CA GLU B 77 10.47 5.61 19.12
C GLU B 77 11.93 5.63 18.73
N LEU B 78 12.77 6.36 19.48
CA LEU B 78 14.21 6.47 19.18
C LEU B 78 14.97 5.23 19.63
N PRO B 79 15.57 4.48 18.70
CA PRO B 79 16.24 3.27 19.11
C PRO B 79 17.55 3.56 19.84
N VAL B 80 17.83 2.73 20.84
CA VAL B 80 18.97 2.88 21.74
C VAL B 80 19.58 1.49 21.89
N VAL B 81 20.87 1.40 21.61
CA VAL B 81 21.63 0.16 21.72
C VAL B 81 22.62 0.43 22.81
N MET B 82 22.69 -0.44 23.82
CA MET B 82 23.57 -0.24 24.97
C MET B 82 24.96 -0.74 24.68
N ILE B 83 25.95 -0.08 25.27
CA ILE B 83 27.35 -0.52 25.22
C ILE B 83 27.57 -1.02 26.63
N SER B 84 27.89 -2.31 26.73
CA SER B 84 28.04 -2.97 28.04
C SER B 84 29.44 -3.54 28.26
N GLY B 85 29.76 -3.72 29.54
CA GLY B 85 31.01 -4.35 29.96
C GLY B 85 31.06 -5.88 29.88
N HIS B 86 32.29 -6.40 29.93
CA HIS B 86 32.55 -7.83 30.02
C HIS B 86 31.77 -8.42 31.19
N GLY B 87 30.90 -9.39 30.90
CA GLY B 87 30.11 -10.06 31.94
C GLY B 87 29.12 -9.22 32.73
N ASN B 88 28.58 -8.17 32.10
CA ASN B 88 27.43 -7.42 32.70
C ASN B 88 26.16 -7.76 31.93
N ILE B 89 25.98 -9.05 31.68
CA ILE B 89 24.84 -9.56 30.92
C ILE B 89 23.53 -9.25 31.65
N GLU B 90 23.46 -9.52 32.95
CA GLU B 90 22.25 -9.23 33.72
C GLU B 90 21.84 -7.78 33.58
N THR B 91 22.79 -6.86 33.65
CA THR B 91 22.47 -5.43 33.62
C THR B 91 21.98 -5.03 32.22
N ALA B 92 22.74 -5.49 31.21
CA ALA B 92 22.36 -5.34 29.83
C ALA B 92 20.92 -5.81 29.59
N VAL B 93 20.57 -7.01 30.04
CA VAL B 93 19.21 -7.55 29.88
C VAL B 93 18.18 -6.63 30.50
N SER B 94 18.50 -6.08 31.66
CA SER B 94 17.57 -5.14 32.31
C SER B 94 17.36 -3.86 31.52
N ALA B 95 18.38 -3.41 30.78
CA ALA B 95 18.27 -2.23 29.91
C ALA B 95 17.22 -2.46 28.82
N ILE B 96 17.20 -3.69 28.31
CA ILE B 96 16.23 -4.08 27.29
C ILE B 96 14.78 -4.05 27.85
N ARG B 97 14.56 -4.52 29.08
CA ARG B 97 13.22 -4.36 29.74
C ARG B 97 12.83 -2.90 29.90
N ARG B 98 13.80 -2.03 30.09
CA ARG B 98 13.55 -0.61 30.31
C ARG B 98 13.51 0.20 29.02
N GLY B 99 13.66 -0.43 27.86
CA GLY B 99 13.41 0.21 26.57
C GLY B 99 14.51 0.12 25.51
N ALA B 100 15.70 -0.32 25.88
CA ALA B 100 16.77 -0.47 24.88
C ALA B 100 16.47 -1.58 23.85
N TYR B 101 16.95 -1.40 22.62
CA TYR B 101 16.72 -2.36 21.53
C TYR B 101 17.63 -3.59 21.60
N ASP B 102 18.90 -3.37 21.88
CA ASP B 102 19.91 -4.42 21.85
C ASP B 102 21.12 -3.88 22.61
N PHE B 103 22.20 -4.64 22.64
CA PHE B 103 23.43 -4.20 23.25
C PHE B 103 24.62 -4.82 22.54
N ILE B 104 25.77 -4.18 22.72
CA ILE B 104 27.07 -4.67 22.28
C ILE B 104 28.01 -4.59 23.49
N GLU B 105 28.88 -5.60 23.57
CA GLU B 105 29.66 -5.91 24.76
C GLU B 105 31.12 -5.61 24.42
N LYS B 106 31.77 -4.77 25.24
CA LYS B 106 33.20 -4.47 25.13
C LYS B 106 34.02 -5.72 25.45
N PRO B 107 35.15 -5.95 24.77
CA PRO B 107 35.62 -5.19 23.59
C PRO B 107 35.03 -5.68 22.27
N PHE B 108 34.98 -4.77 21.30
CA PHE B 108 34.60 -5.09 19.92
C PHE B 108 35.51 -4.41 18.88
N LYS B 109 35.65 -5.05 17.73
CA LYS B 109 36.22 -4.44 16.53
C LYS B 109 35.06 -3.91 15.64
N ALA B 110 35.39 -3.54 14.41
CA ALA B 110 34.49 -2.76 13.59
C ALA B 110 33.30 -3.56 13.08
N ASP B 111 33.55 -4.71 12.45
CA ASP B 111 32.49 -5.48 11.79
C ASP B 111 31.35 -5.78 12.75
N ARG B 112 31.68 -6.16 13.96
CA ARG B 112 30.65 -6.43 14.91
C ARG B 112 29.80 -5.19 15.16
N LEU B 113 30.43 -4.03 15.38
CA LEU B 113 29.68 -2.80 15.66
C LEU B 113 28.85 -2.35 14.44
N ILE B 114 29.41 -2.46 13.26
CA ILE B 114 28.71 -2.06 12.05
C ILE B 114 27.39 -2.84 11.92
N LEU B 115 27.47 -4.14 12.17
CA LEU B 115 26.33 -5.01 12.04
C LEU B 115 25.27 -4.74 13.08
N VAL B 116 25.67 -4.50 14.33
CA VAL B 116 24.71 -4.10 15.35
C VAL B 116 23.92 -2.88 14.90
N ALA B 117 24.64 -1.92 14.34
CA ALA B 117 24.07 -0.64 13.92
C ALA B 117 23.18 -0.79 12.67
N GLU B 118 23.64 -1.53 11.64
CA GLU B 118 22.79 -1.84 10.49
C GLU B 118 21.42 -2.45 10.89
N ARG B 119 21.45 -3.39 11.86
CA ARG B 119 20.25 -4.05 12.37
C ARG B 119 19.36 -3.10 13.11
N ALA B 120 19.92 -2.25 13.98
CA ALA B 120 19.06 -1.35 14.80
C ALA B 120 18.30 -0.38 13.88
N LEU B 121 18.97 0.11 12.84
CA LEU B 121 18.41 1.03 11.88
C LEU B 121 17.39 0.36 10.99
N GLU B 122 17.68 -0.85 10.54
CA GLU B 122 16.78 -1.58 9.66
C GLU B 122 15.47 -1.87 10.38
N THR B 123 15.57 -2.40 11.58
CA THR B 123 14.37 -2.72 12.34
C THR B 123 13.59 -1.45 12.68
N SER B 124 14.29 -0.40 13.09
CA SER B 124 13.64 0.89 13.40
C SER B 124 12.89 1.43 12.18
N LYS B 125 13.51 1.32 11.01
CA LYS B 125 12.90 1.80 9.80
C LYS B 125 11.64 0.98 9.56
N LEU B 126 11.76 -0.34 9.57
CA LEU B 126 10.63 -1.26 9.42
C LEU B 126 9.52 -0.97 10.37
N LYS B 127 9.81 -0.65 11.63
CA LYS B 127 8.75 -0.36 12.59
C LYS B 127 7.91 0.85 12.14
N ARG B 128 8.58 1.84 11.56
CA ARG B 128 7.93 3.06 11.12
C ARG B 128 7.14 2.91 9.82
N GLU B 129 7.66 2.15 8.84
CA GLU B 129 6.89 1.90 7.63
C GLU B 129 5.58 1.19 7.98
N VAL B 130 5.61 0.16 8.84
CA VAL B 130 4.36 -0.59 9.15
C VAL B 130 3.40 0.17 10.05
N SER B 131 3.93 0.99 10.94
CA SER B 131 3.11 1.83 11.79
C SER B 131 2.24 2.79 10.95
N ASP B 132 2.84 3.37 9.91
CA ASP B 132 2.13 4.25 8.99
C ASP B 132 1.11 3.50 8.17
N LEU B 133 1.52 2.36 7.63
CA LEU B 133 0.63 1.54 6.81
C LEU B 133 -0.59 0.99 7.57
N ARG B 134 -0.44 0.68 8.85
CA ARG B 134 -1.57 0.18 9.65
C ARG B 134 -2.76 1.14 9.83
N LYS B 135 -2.52 2.45 9.63
CA LYS B 135 -3.62 3.44 9.59
C LYS B 135 -4.41 3.28 8.27
N ARG B 136 -3.67 3.14 7.17
CA ARG B 136 -4.22 2.96 5.83
C ARG B 136 -4.66 1.51 5.50
N VAL B 144 -17.48 -2.56 13.89
CA VAL B 144 -17.36 -1.11 14.05
C VAL B 144 -18.59 -0.33 13.51
N GLY B 145 -19.72 -0.45 14.22
CA GLY B 145 -21.00 0.19 13.89
C GLY B 145 -21.98 0.17 15.07
N THR B 146 -22.95 1.07 15.06
CA THR B 146 -23.93 1.18 16.15
C THR B 146 -25.19 0.31 16.00
N SER B 147 -25.45 -0.20 14.80
CA SER B 147 -26.69 -0.89 14.51
C SER B 147 -26.86 -2.20 15.30
N LEU B 148 -28.11 -2.68 15.33
CA LEU B 148 -28.41 -3.96 15.97
C LEU B 148 -27.59 -5.10 15.33
N ALA B 149 -27.62 -5.20 14.00
CA ALA B 149 -26.92 -6.27 13.30
C ALA B 149 -25.43 -6.35 13.68
N MET B 150 -24.76 -5.19 13.78
CA MET B 150 -23.33 -5.17 14.09
C MET B 150 -23.04 -5.49 15.55
N ASN B 151 -23.98 -5.22 16.46
CA ASN B 151 -23.83 -5.63 17.87
C ASN B 151 -23.95 -7.13 17.98
N GLN B 152 -24.93 -7.70 17.26
CA GLN B 152 -25.09 -9.15 17.17
C GLN B 152 -23.78 -9.74 16.61
N LEU B 153 -23.36 -9.25 15.45
CA LEU B 153 -22.08 -9.71 14.87
C LEU B 153 -20.88 -9.67 15.85
N ARG B 154 -20.71 -8.57 16.58
CA ARG B 154 -19.60 -8.48 17.55
C ARG B 154 -19.73 -9.56 18.60
N GLN B 155 -20.96 -9.68 19.11
CA GLN B 155 -21.34 -10.70 20.07
C GLN B 155 -21.01 -12.09 19.51
N THR B 156 -21.46 -12.37 18.29
CA THR B 156 -21.10 -13.64 17.62
C THR B 156 -19.57 -13.86 17.60
N ILE B 157 -18.79 -12.87 17.16
CA ILE B 157 -17.31 -13.01 17.06
C ILE B 157 -16.74 -13.50 18.37
N GLU B 158 -17.15 -12.84 19.45
CA GLU B 158 -16.60 -13.05 20.77
C GLU B 158 -16.92 -14.45 21.32
N ARG B 159 -18.12 -14.95 21.02
CA ARG B 159 -18.53 -16.32 21.41
C ARG B 159 -17.76 -17.39 20.62
N VAL B 160 -17.67 -17.17 19.31
CA VAL B 160 -17.11 -18.17 18.39
C VAL B 160 -15.57 -18.24 18.33
N ALA B 161 -14.89 -17.10 18.55
CA ALA B 161 -13.43 -17.01 18.44
C ALA B 161 -12.62 -17.98 19.33
N PRO B 162 -12.84 -17.95 20.68
CA PRO B 162 -12.03 -18.84 21.54
C PRO B 162 -12.26 -20.37 21.42
N THR B 163 -13.27 -20.81 20.67
CA THR B 163 -13.39 -22.25 20.32
C THR B 163 -12.23 -22.64 19.37
N ASN B 164 -12.15 -23.92 18.99
CA ASN B 164 -11.19 -24.41 17.99
C ASN B 164 -11.87 -24.84 16.67
N SER B 165 -13.15 -24.49 16.53
CA SER B 165 -13.95 -24.91 15.40
C SER B 165 -13.65 -24.08 14.14
N ARG B 166 -13.65 -24.78 13.00
CA ARG B 166 -13.79 -24.17 11.68
C ARG B 166 -15.03 -23.28 11.59
N ILE B 167 -14.81 -22.07 11.06
CA ILE B 167 -15.84 -21.06 10.84
C ILE B 167 -16.08 -20.89 9.34
N MET B 168 -17.35 -20.69 8.99
CA MET B 168 -17.75 -20.30 7.64
C MET B 168 -18.43 -18.95 7.81
N ILE B 169 -17.85 -17.92 7.21
CA ILE B 169 -18.42 -16.59 7.22
C ILE B 169 -19.25 -16.42 5.96
N THR B 170 -20.53 -16.09 6.14
CA THR B 170 -21.44 -15.87 5.04
C THR B 170 -21.93 -14.42 5.01
N GLY B 171 -22.14 -13.93 3.79
CA GLY B 171 -22.75 -12.63 3.55
C GLY B 171 -22.45 -12.19 2.13
N PRO B 172 -23.00 -11.05 1.70
CA PRO B 172 -22.85 -10.62 0.32
C PRO B 172 -21.46 -10.03 0.08
N SER B 173 -21.12 -9.82 -1.19
CA SER B 173 -19.78 -9.37 -1.56
C SER B 173 -19.61 -7.91 -1.17
N GLY B 174 -18.48 -7.62 -0.54
CA GLY B 174 -18.15 -6.28 -0.05
C GLY B 174 -18.48 -6.00 1.41
N ALA B 175 -19.18 -6.92 2.08
CA ALA B 175 -19.66 -6.67 3.45
C ALA B 175 -18.55 -6.69 4.52
N GLY B 176 -17.34 -7.10 4.12
CA GLY B 176 -16.15 -6.99 4.97
C GLY B 176 -15.94 -8.24 5.79
N LYS B 177 -15.91 -9.38 5.10
CA LYS B 177 -15.75 -10.70 5.74
C LYS B 177 -14.34 -10.91 6.22
N GLU B 178 -13.37 -10.50 5.41
CA GLU B 178 -11.95 -10.54 5.81
C GLU B 178 -11.71 -9.84 7.16
N LEU B 179 -12.44 -8.76 7.41
CA LEU B 179 -12.29 -8.02 8.67
C LEU B 179 -12.78 -8.86 9.84
N VAL B 180 -13.89 -9.56 9.60
CA VAL B 180 -14.49 -10.49 10.57
C VAL B 180 -13.54 -11.65 10.81
N ALA B 181 -12.93 -12.15 9.74
CA ALA B 181 -11.96 -13.21 9.90
C ALA B 181 -10.75 -12.76 10.78
N ARG B 182 -10.24 -11.55 10.53
CA ARG B 182 -9.11 -11.03 11.32
C ARG B 182 -9.52 -10.76 12.75
N ALA B 183 -10.77 -10.36 12.95
CA ALA B 183 -11.32 -10.19 14.29
C ALA B 183 -11.31 -11.52 15.04
N ILE B 184 -11.82 -12.55 14.38
CA ILE B 184 -11.86 -13.87 14.99
C ILE B 184 -10.46 -14.26 15.48
N HIS B 185 -9.49 -14.26 14.58
CA HIS B 185 -8.06 -14.53 14.89
C HIS B 185 -7.49 -13.71 16.05
N ALA B 186 -7.80 -12.41 16.08
CA ALA B 186 -7.32 -11.52 17.14
C ALA B 186 -7.77 -11.95 18.57
N GLN B 187 -9.02 -12.41 18.68
CA GLN B 187 -9.56 -12.94 19.93
C GLN B 187 -9.41 -14.46 20.09
N SER B 188 -8.75 -15.13 19.16
CA SER B 188 -8.55 -16.58 19.28
C SER B 188 -7.29 -16.88 20.08
N SER B 189 -7.15 -18.16 20.40
CA SER B 189 -5.96 -18.66 21.08
C SER B 189 -4.75 -18.77 20.13
N ARG B 190 -4.99 -18.57 18.84
CA ARG B 190 -3.93 -18.50 17.83
C ARG B 190 -3.60 -17.08 17.38
N ALA B 191 -3.86 -16.09 18.23
CA ALA B 191 -3.69 -14.67 17.88
C ALA B 191 -2.26 -14.24 17.60
N ASN B 192 -1.29 -15.00 18.13
CA ASN B 192 0.14 -14.77 17.95
C ASN B 192 0.80 -15.79 17.02
N GLY B 193 -0.04 -16.67 16.48
CA GLY B 193 0.31 -17.43 15.29
C GLY B 193 -0.06 -16.65 14.04
N PRO B 194 0.27 -17.21 12.86
CA PRO B 194 -0.01 -16.50 11.61
C PRO B 194 -1.49 -16.39 11.21
N PHE B 195 -1.78 -15.44 10.35
CA PHE B 195 -3.09 -15.29 9.72
C PHE B 195 -2.75 -15.14 8.25
N VAL B 196 -3.14 -16.13 7.47
CA VAL B 196 -2.80 -16.22 6.06
C VAL B 196 -4.11 -16.23 5.28
N THR B 197 -4.13 -15.57 4.11
CA THR B 197 -5.34 -15.45 3.28
C THR B 197 -5.06 -16.01 1.92
N VAL B 198 -6.05 -16.65 1.33
CA VAL B 198 -6.00 -17.10 -0.07
C VAL B 198 -7.25 -16.54 -0.75
N ASN B 199 -7.05 -15.73 -1.77
CA ASN B 199 -8.17 -15.18 -2.51
C ASN B 199 -8.48 -16.11 -3.64
N ALA B 200 -9.40 -17.04 -3.38
CA ALA B 200 -9.79 -18.10 -4.33
C ALA B 200 -10.38 -17.54 -5.62
N ALA B 201 -11.15 -16.47 -5.49
CA ALA B 201 -11.54 -15.66 -6.63
C ALA B 201 -10.28 -15.27 -7.43
N THR B 202 -9.37 -14.52 -6.80
CA THR B 202 -8.26 -13.84 -7.48
C THR B 202 -7.21 -14.69 -8.21
N ILE B 203 -6.69 -15.71 -7.55
CA ILE B 203 -5.57 -16.51 -8.10
C ILE B 203 -6.07 -17.33 -9.29
N THR B 204 -5.21 -17.48 -10.31
CA THR B 204 -5.59 -18.24 -11.51
C THR B 204 -5.83 -19.70 -11.07
N PRO B 205 -6.89 -20.37 -11.57
CA PRO B 205 -7.15 -21.77 -11.17
C PRO B 205 -5.96 -22.73 -11.38
N GLU B 206 -5.12 -22.40 -12.36
CA GLU B 206 -3.87 -23.09 -12.65
C GLU B 206 -2.84 -23.00 -11.49
N ARG B 207 -2.55 -21.78 -11.06
CA ARG B 207 -1.63 -21.52 -9.94
C ARG B 207 -2.23 -21.80 -8.53
N MET B 208 -3.50 -22.19 -8.44
CA MET B 208 -4.17 -22.29 -7.13
C MET B 208 -3.53 -23.36 -6.26
N GLU B 209 -3.20 -24.50 -6.86
CA GLU B 209 -2.56 -25.57 -6.10
C GLU B 209 -1.19 -25.17 -5.57
N ILE B 210 -0.38 -24.50 -6.37
CA ILE B 210 0.90 -23.96 -5.90
C ILE B 210 0.74 -22.92 -4.76
N GLU B 211 -0.31 -22.12 -4.77
CA GLU B 211 -0.48 -21.14 -3.67
C GLU B 211 -0.88 -21.83 -2.38
N LEU B 212 -1.72 -22.85 -2.50
CA LEU B 212 -2.15 -23.63 -1.36
C LEU B 212 -1.05 -24.56 -0.82
N PHE B 213 -0.41 -25.30 -1.70
CA PHE B 213 0.42 -26.43 -1.27
C PHE B 213 1.91 -26.26 -1.50
N GLY B 214 2.29 -25.17 -2.17
CA GLY B 214 3.68 -24.86 -2.43
C GLY B 214 4.32 -25.83 -3.39
N THR B 215 5.62 -25.67 -3.58
CA THR B 215 6.33 -26.47 -4.57
C THR B 215 7.81 -26.13 -4.53
N GLU B 216 8.63 -27.01 -5.10
CA GLU B 216 10.04 -26.75 -5.35
C GLU B 216 10.22 -26.18 -6.79
N MET B 217 10.52 -24.88 -6.86
CA MET B 217 10.88 -24.16 -8.10
C MET B 217 12.16 -24.68 -8.72
N ASP B 218 12.42 -24.29 -9.96
CA ASP B 218 13.47 -24.88 -10.82
C ASP B 218 14.89 -24.71 -10.31
N GLY B 219 15.15 -23.59 -9.64
CA GLY B 219 16.48 -23.31 -9.08
C GLY B 219 16.91 -24.14 -7.86
N GLY B 220 15.97 -24.89 -7.29
CA GLY B 220 16.12 -25.44 -5.96
C GLY B 220 15.37 -24.61 -4.93
N GLU B 221 14.89 -23.42 -5.30
CA GLU B 221 14.18 -22.57 -4.36
C GLU B 221 12.81 -23.17 -4.07
N ARG B 222 12.31 -22.95 -2.85
CA ARG B 222 11.01 -23.46 -2.42
C ARG B 222 9.99 -22.31 -2.21
N LYS B 223 8.79 -22.54 -2.76
CA LYS B 223 7.62 -21.72 -2.54
C LYS B 223 6.83 -22.42 -1.44
N VAL B 224 6.71 -21.79 -0.29
CA VAL B 224 6.02 -22.37 0.84
C VAL B 224 4.59 -21.97 0.60
N GLY B 225 3.72 -22.96 0.43
CA GLY B 225 2.27 -22.71 0.25
C GLY B 225 1.61 -22.12 1.50
N ALA B 226 0.35 -21.70 1.36
CA ALA B 226 -0.38 -21.04 2.43
C ALA B 226 -0.75 -21.93 3.62
N LEU B 227 -0.98 -23.21 3.36
CA LEU B 227 -1.26 -24.16 4.43
C LEU B 227 -0.05 -24.27 5.34
N GLU B 228 1.10 -24.54 4.72
CA GLU B 228 2.40 -24.62 5.41
C GLU B 228 2.76 -23.34 6.14
N GLU B 229 2.53 -22.21 5.49
CA GLU B 229 2.73 -20.91 6.13
C GLU B 229 1.76 -20.69 7.29
N ALA B 230 0.56 -21.27 7.24
CA ALA B 230 -0.40 -21.05 8.32
C ALA B 230 -0.24 -21.97 9.56
N HIS B 231 0.67 -22.93 9.48
CA HIS B 231 0.94 -23.84 10.59
C HIS B 231 0.98 -23.10 11.91
N GLY B 232 0.26 -23.59 12.90
CA GLY B 232 0.16 -22.91 14.19
C GLY B 232 -0.78 -21.72 14.22
N GLY B 233 -1.34 -21.38 13.05
CA GLY B 233 -2.16 -20.20 12.89
C GLY B 233 -3.55 -20.50 12.33
N ILE B 234 -4.05 -19.56 11.54
CA ILE B 234 -5.35 -19.62 10.88
C ILE B 234 -5.12 -19.39 9.39
N LEU B 235 -5.82 -20.15 8.58
CA LEU B 235 -5.90 -19.94 7.15
C LEU B 235 -7.30 -19.45 6.85
N TYR B 236 -7.39 -18.36 6.12
CA TYR B 236 -8.67 -17.77 5.75
C TYR B 236 -8.83 -18.05 4.27
N LEU B 237 -9.75 -18.94 3.90
CA LEU B 237 -10.03 -19.26 2.51
C LEU B 237 -11.12 -18.30 2.06
N ASP B 238 -10.80 -17.36 1.17
CA ASP B 238 -11.81 -16.37 0.71
C ASP B 238 -12.67 -16.89 -0.48
N GLU B 239 -13.99 -16.94 -0.29
CA GLU B 239 -14.92 -17.38 -1.33
C GLU B 239 -14.52 -18.79 -1.77
N VAL B 240 -14.71 -19.73 -0.88
CA VAL B 240 -14.38 -21.14 -1.16
C VAL B 240 -15.00 -21.69 -2.46
N ALA B 241 -16.15 -21.11 -2.83
CA ALA B 241 -16.91 -21.46 -4.04
C ALA B 241 -16.12 -21.42 -5.36
N ASP B 242 -15.11 -20.55 -5.44
CA ASP B 242 -14.25 -20.49 -6.64
C ASP B 242 -13.09 -21.49 -6.65
N MET B 243 -13.19 -22.54 -5.83
CA MET B 243 -12.16 -23.57 -5.80
C MET B 243 -12.43 -24.63 -6.85
N PRO B 244 -11.40 -25.03 -7.60
CA PRO B 244 -11.57 -26.10 -8.60
C PRO B 244 -11.95 -27.51 -8.03
N ARG B 245 -12.34 -28.41 -8.92
CA ARG B 245 -12.81 -29.77 -8.56
C ARG B 245 -11.73 -30.58 -7.81
N GLU B 246 -10.56 -30.72 -8.42
CA GLU B 246 -9.45 -31.46 -7.81
C GLU B 246 -8.86 -30.79 -6.56
N THR B 247 -9.08 -29.48 -6.40
CA THR B 247 -8.56 -28.72 -5.26
C THR B 247 -9.46 -28.88 -4.06
N GLN B 248 -10.76 -28.85 -4.27
CA GLN B 248 -11.73 -29.20 -3.21
C GLN B 248 -11.44 -30.56 -2.58
N ASN B 249 -11.21 -31.54 -3.44
CA ASN B 249 -10.97 -32.91 -3.01
C ASN B 249 -9.77 -32.93 -2.08
N LYS B 250 -8.70 -32.30 -2.56
CA LYS B 250 -7.43 -32.27 -1.85
C LYS B 250 -7.46 -31.49 -0.51
N ILE B 251 -8.34 -30.50 -0.41
CA ILE B 251 -8.58 -29.75 0.85
C ILE B 251 -9.35 -30.58 1.83
N LEU B 252 -10.25 -31.42 1.33
CA LEU B 252 -11.03 -32.31 2.17
C LEU B 252 -10.10 -33.22 2.96
N ARG B 253 -9.11 -33.79 2.28
CA ARG B 253 -8.12 -34.62 2.93
C ARG B 253 -7.43 -33.87 4.06
N VAL B 254 -6.84 -32.71 3.72
CA VAL B 254 -6.19 -31.84 4.67
C VAL B 254 -7.00 -31.60 5.95
N LEU B 255 -8.30 -31.36 5.82
CA LEU B 255 -9.12 -31.07 7.01
C LEU B 255 -9.11 -32.20 8.03
N VAL B 256 -9.10 -33.40 7.51
CA VAL B 256 -9.17 -34.64 8.26
C VAL B 256 -7.81 -35.26 8.54
N ASP B 257 -7.04 -35.59 7.48
CA ASP B 257 -5.66 -36.10 7.60
C ASP B 257 -4.66 -35.16 8.33
N GLN B 258 -4.85 -33.84 8.17
CA GLN B 258 -3.93 -32.78 8.63
C GLN B 258 -2.56 -32.87 7.94
N GLN B 259 -2.56 -33.30 6.69
CA GLN B 259 -1.37 -33.64 5.91
C GLN B 259 -1.66 -33.39 4.45
N PHE B 260 -0.64 -33.00 3.70
CA PHE B 260 -0.81 -32.81 2.28
C PHE B 260 0.47 -32.96 1.55
N GLU B 261 0.37 -33.15 0.24
CA GLU B 261 1.54 -33.20 -0.63
C GLU B 261 1.77 -31.81 -1.31
N ARG B 262 3.01 -31.35 -1.35
CA ARG B 262 3.37 -30.15 -2.12
C ARG B 262 3.21 -30.51 -3.61
N VAL B 263 2.93 -29.51 -4.46
CA VAL B 263 2.82 -29.77 -5.90
C VAL B 263 4.15 -30.35 -6.39
N GLY B 264 4.08 -31.50 -7.03
CA GLY B 264 5.29 -32.20 -7.47
C GLY B 264 6.09 -32.83 -6.34
N GLY B 265 5.62 -32.74 -5.10
CA GLY B 265 6.29 -33.34 -3.93
C GLY B 265 5.80 -34.77 -3.66
N THR B 266 6.60 -35.52 -2.90
CA THR B 266 6.19 -36.82 -2.37
C THR B 266 6.03 -36.80 -0.85
N LYS B 267 6.78 -35.94 -0.16
CA LYS B 267 6.62 -35.81 1.28
C LYS B 267 5.24 -35.37 1.66
N ARG B 268 4.72 -35.97 2.73
CA ARG B 268 3.44 -35.61 3.29
C ARG B 268 3.65 -34.69 4.47
N VAL B 269 3.26 -33.42 4.32
CA VAL B 269 3.58 -32.39 5.32
C VAL B 269 2.51 -32.27 6.39
N LYS B 270 2.88 -32.35 7.66
CA LYS B 270 1.91 -32.19 8.75
C LYS B 270 1.78 -30.75 9.15
N VAL B 271 0.55 -30.28 9.28
CA VAL B 271 0.30 -28.92 9.75
C VAL B 271 -0.77 -28.97 10.79
N ASP B 272 -0.86 -27.92 11.56
CA ASP B 272 -1.87 -27.71 12.56
C ASP B 272 -2.47 -26.36 12.21
N VAL B 273 -3.48 -26.36 11.34
CA VAL B 273 -4.15 -25.14 10.94
C VAL B 273 -5.62 -25.13 11.42
N ARG B 274 -6.12 -23.95 11.77
CA ARG B 274 -7.55 -23.70 11.92
C ARG B 274 -8.08 -22.90 10.71
N ILE B 275 -9.01 -23.48 9.96
CA ILE B 275 -9.46 -22.87 8.71
C ILE B 275 -10.75 -22.07 8.91
N ILE B 276 -10.75 -20.85 8.35
CA ILE B 276 -11.93 -20.00 8.30
C ILE B 276 -12.25 -19.84 6.85
N SER B 277 -13.51 -20.10 6.48
CA SER B 277 -13.96 -19.98 5.11
C SER B 277 -14.91 -18.80 5.01
N SER B 278 -15.13 -18.34 3.79
CA SER B 278 -16.16 -17.36 3.54
C SER B 278 -16.78 -17.63 2.19
N THR B 279 -18.01 -17.16 2.03
CA THR B 279 -18.70 -17.20 0.74
C THR B 279 -19.83 -16.19 0.69
N ALA B 280 -20.04 -15.65 -0.51
CA ALA B 280 -21.25 -14.88 -0.82
C ALA B 280 -22.18 -15.63 -1.75
N GLN B 281 -21.80 -16.86 -2.14
CA GLN B 281 -22.69 -17.74 -2.91
C GLN B 281 -23.63 -18.48 -2.00
N ASN B 282 -24.63 -19.08 -2.64
CA ASN B 282 -25.44 -20.12 -2.03
C ASN B 282 -24.77 -21.44 -2.43
N LEU B 283 -24.17 -22.08 -1.43
CA LEU B 283 -23.39 -23.29 -1.62
C LEU B 283 -24.29 -24.51 -1.70
N GLU B 284 -25.36 -24.55 -0.89
CA GLU B 284 -26.35 -25.66 -0.91
C GLU B 284 -26.92 -25.94 -2.32
N GLY B 285 -27.16 -24.86 -3.04
CA GLY B 285 -27.57 -24.89 -4.44
C GLY B 285 -26.48 -25.39 -5.37
N MET B 286 -25.22 -25.02 -5.09
CA MET B 286 -24.05 -25.56 -5.81
C MET B 286 -23.83 -27.08 -5.57
N ILE B 287 -24.18 -27.54 -4.36
CA ILE B 287 -24.18 -28.98 -4.02
C ILE B 287 -25.17 -29.67 -4.91
N ALA B 288 -26.41 -29.15 -4.87
CA ALA B 288 -27.52 -29.66 -5.67
C ALA B 288 -27.19 -29.82 -7.17
N GLU B 289 -26.45 -28.88 -7.76
CA GLU B 289 -26.01 -28.98 -9.19
C GLU B 289 -24.66 -29.69 -9.46
N GLY B 290 -24.01 -30.22 -8.41
CA GLY B 290 -22.73 -30.96 -8.53
C GLY B 290 -21.47 -30.12 -8.79
N THR B 291 -21.56 -28.80 -8.58
CA THR B 291 -20.42 -27.87 -8.77
C THR B 291 -19.45 -27.79 -7.57
N PHE B 292 -19.99 -28.01 -6.36
CA PHE B 292 -19.22 -28.06 -5.11
C PHE B 292 -19.60 -29.33 -4.34
N ARG B 293 -18.72 -29.75 -3.43
CA ARG B 293 -18.88 -30.98 -2.66
C ARG B 293 -19.61 -30.82 -1.34
N GLU B 294 -20.55 -31.73 -1.10
CA GLU B 294 -21.41 -31.67 0.10
C GLU B 294 -20.60 -31.90 1.36
N ASP B 295 -19.79 -32.95 1.36
CA ASP B 295 -18.99 -33.30 2.53
C ASP B 295 -18.02 -32.19 2.92
N LEU B 296 -17.38 -31.60 1.91
CA LEU B 296 -16.50 -30.43 2.11
C LEU B 296 -17.26 -29.28 2.76
N PHE B 297 -18.41 -28.94 2.17
CA PHE B 297 -19.28 -27.88 2.68
C PHE B 297 -19.57 -28.06 4.16
N HIS B 298 -20.04 -29.24 4.57
CA HIS B 298 -20.45 -29.47 5.97
C HIS B 298 -19.32 -29.35 6.98
N ARG B 299 -18.13 -29.77 6.57
CA ARG B 299 -16.97 -29.70 7.43
C ARG B 299 -16.51 -28.27 7.58
N LEU B 300 -16.52 -27.51 6.47
CA LEU B 300 -16.16 -26.09 6.52
C LEU B 300 -17.21 -25.22 7.25
N SER B 301 -18.46 -25.69 7.33
CA SER B 301 -19.62 -24.93 7.88
C SER B 301 -20.08 -25.33 9.27
N VAL B 302 -19.22 -25.96 10.07
CA VAL B 302 -19.64 -26.43 11.39
C VAL B 302 -20.30 -25.27 12.16
N VAL B 303 -19.54 -24.19 12.38
CA VAL B 303 -20.06 -22.98 13.04
C VAL B 303 -20.22 -21.86 12.00
N PRO B 304 -21.46 -21.35 11.78
CA PRO B 304 -21.63 -20.28 10.80
C PRO B 304 -21.56 -18.87 11.42
N VAL B 305 -21.05 -17.90 10.66
CA VAL B 305 -21.09 -16.48 11.03
C VAL B 305 -21.65 -15.69 9.85
N GLN B 306 -22.68 -14.88 10.09
CA GLN B 306 -23.37 -14.13 9.04
C GLN B 306 -22.95 -12.65 9.12
N VAL B 307 -22.53 -12.09 7.98
CA VAL B 307 -22.13 -10.68 7.89
C VAL B 307 -23.23 -9.88 7.19
N PRO B 308 -23.75 -8.84 7.86
CA PRO B 308 -24.90 -8.14 7.35
C PRO B 308 -24.61 -7.22 6.19
N ALA B 309 -25.45 -7.32 5.14
CA ALA B 309 -25.49 -6.32 4.07
C ALA B 309 -25.65 -4.89 4.60
N LEU B 310 -25.09 -3.93 3.87
CA LEU B 310 -25.29 -2.50 4.22
C LEU B 310 -26.75 -2.09 4.42
N ALA B 311 -27.66 -2.60 3.58
CA ALA B 311 -29.10 -2.32 3.70
C ALA B 311 -29.70 -2.87 5.02
N ALA B 312 -29.22 -4.02 5.49
CA ALA B 312 -29.59 -4.56 6.79
C ALA B 312 -29.15 -3.68 7.96
N ARG B 313 -28.09 -2.90 7.77
CA ARG B 313 -27.64 -1.96 8.81
C ARG B 313 -27.50 -0.53 8.31
N ARG B 314 -28.62 0.13 8.10
CA ARG B 314 -28.65 1.49 7.52
C ARG B 314 -28.17 2.57 8.49
N GLU B 315 -28.53 2.43 9.77
CA GLU B 315 -28.08 3.33 10.86
C GLU B 315 -26.57 3.64 10.81
N ASP B 316 -25.77 2.66 10.38
CA ASP B 316 -24.29 2.75 10.38
C ASP B 316 -23.64 3.60 9.29
N ILE B 317 -24.41 3.95 8.25
CA ILE B 317 -23.85 4.54 7.03
C ILE B 317 -23.18 5.93 7.21
N PRO B 318 -23.81 6.89 7.92
CA PRO B 318 -23.14 8.17 8.17
C PRO B 318 -21.73 8.06 8.76
N SER B 319 -21.57 7.23 9.79
CA SER B 319 -20.27 7.04 10.45
C SER B 319 -19.27 6.30 9.57
N LEU B 320 -19.78 5.37 8.76
CA LEU B 320 -19.00 4.75 7.71
C LEU B 320 -18.52 5.79 6.67
N VAL B 321 -19.42 6.65 6.16
CA VAL B 321 -19.02 7.75 5.23
C VAL B 321 -17.93 8.63 5.85
N GLU B 322 -18.20 9.06 7.08
CA GLU B 322 -17.29 9.88 7.86
C GLU B 322 -15.94 9.20 8.02
N PHE B 323 -15.96 7.89 8.21
CA PHE B 323 -14.73 7.13 8.41
C PHE B 323 -13.92 7.01 7.14
N PHE B 324 -14.59 6.65 6.05
CA PHE B 324 -13.95 6.53 4.73
C PHE B 324 -13.34 7.87 4.25
N MET B 325 -13.93 9.00 4.62
CA MET B 325 -13.31 10.31 4.33
C MET B 325 -12.02 10.54 5.07
N LYS B 326 -12.00 10.31 6.38
CA LYS B 326 -10.74 10.40 7.16
C LYS B 326 -9.66 9.55 6.45
N GLN B 327 -10.02 8.33 6.06
CA GLN B 327 -9.07 7.38 5.45
C GLN B 327 -8.66 7.76 4.04
N ILE B 328 -9.59 8.27 3.24
CA ILE B 328 -9.31 8.68 1.85
C ILE B 328 -8.34 9.88 1.81
N ALA B 329 -8.55 10.85 2.70
CA ALA B 329 -7.60 11.96 2.92
C ALA B 329 -6.18 11.48 3.27
N GLU B 330 -6.08 10.53 4.19
CA GLU B 330 -4.81 9.87 4.49
C GLU B 330 -4.19 9.32 3.20
N GLN B 331 -4.93 8.44 2.53
CA GLN B 331 -4.49 7.79 1.28
C GLN B 331 -4.22 8.72 0.07
N ALA B 332 -4.77 9.95 0.06
CA ALA B 332 -4.71 10.83 -1.14
C ALA B 332 -4.45 12.33 -0.94
N GLY B 333 -4.30 12.78 0.29
CA GLY B 333 -4.03 14.20 0.56
C GLY B 333 -5.16 15.19 0.28
N ILE B 334 -6.40 14.68 0.24
CA ILE B 334 -7.60 15.52 -0.01
C ILE B 334 -8.24 15.86 1.35
N LYS B 335 -8.25 17.16 1.70
CA LYS B 335 -8.98 17.66 2.89
C LYS B 335 -10.42 17.11 2.92
N PRO B 336 -10.83 16.43 4.02
CA PRO B 336 -12.18 15.88 3.99
C PRO B 336 -13.20 17.00 4.02
N ARG B 337 -14.38 16.69 3.48
CA ARG B 337 -15.44 17.66 3.24
C ARG B 337 -16.68 17.19 3.98
N LYS B 338 -17.62 18.10 4.26
CA LYS B 338 -18.89 17.70 4.86
C LYS B 338 -19.92 17.32 3.77
N ILE B 339 -20.67 16.25 4.04
CA ILE B 339 -21.75 15.76 3.15
C ILE B 339 -23.05 16.44 3.55
N GLY B 340 -23.75 16.99 2.56
CA GLY B 340 -25.01 17.72 2.79
C GLY B 340 -26.17 16.77 3.08
N PRO B 341 -27.13 17.18 3.94
CA PRO B 341 -28.08 16.20 4.50
C PRO B 341 -29.03 15.53 3.49
N ASP B 342 -29.31 16.19 2.38
CA ASP B 342 -30.09 15.59 1.30
C ASP B 342 -29.33 14.46 0.60
N ALA B 343 -28.05 14.70 0.30
CA ALA B 343 -27.15 13.66 -0.24
C ALA B 343 -26.88 12.49 0.73
N MET B 344 -26.69 12.78 2.02
CA MET B 344 -26.51 11.76 3.05
C MET B 344 -27.71 10.81 3.17
N ALA B 345 -28.92 11.34 3.04
CA ALA B 345 -30.14 10.52 3.08
C ALA B 345 -30.31 9.67 1.83
N VAL B 346 -29.83 10.19 0.70
CA VAL B 346 -29.79 9.41 -0.54
C VAL B 346 -28.76 8.28 -0.42
N LEU B 347 -27.59 8.55 0.17
CA LEU B 347 -26.61 7.49 0.47
C LEU B 347 -27.22 6.45 1.39
N GLN B 348 -27.76 6.91 2.52
CA GLN B 348 -28.41 6.05 3.51
C GLN B 348 -29.53 5.16 2.99
N ALA B 349 -30.21 5.57 1.93
CA ALA B 349 -31.37 4.83 1.42
C ALA B 349 -31.12 3.91 0.20
N HIS B 350 -29.91 3.95 -0.37
CA HIS B 350 -29.56 3.08 -1.51
C HIS B 350 -29.35 1.64 -1.03
N SER B 351 -29.56 0.67 -1.92
CA SER B 351 -29.48 -0.75 -1.58
C SER B 351 -28.03 -1.34 -1.47
N TRP B 352 -27.05 -0.62 -2.02
CA TRP B 352 -25.60 -0.96 -1.99
C TRP B 352 -25.28 -2.44 -2.31
N PRO B 353 -25.55 -2.88 -3.53
CA PRO B 353 -25.21 -4.26 -3.92
C PRO B 353 -23.74 -4.66 -3.69
N GLY B 354 -22.84 -3.69 -3.81
CA GLY B 354 -21.41 -3.87 -3.50
C GLY B 354 -21.00 -3.42 -2.11
N ASN B 355 -21.97 -3.03 -1.28
CA ASN B 355 -21.77 -2.81 0.16
C ASN B 355 -20.61 -1.87 0.54
N LEU B 356 -19.74 -2.23 1.49
CA LEU B 356 -18.66 -1.33 1.93
C LEU B 356 -17.71 -0.91 0.81
N ARG B 357 -17.23 -1.84 -0.01
CA ARG B 357 -16.40 -1.44 -1.17
C ARG B 357 -17.13 -0.41 -1.99
N GLN B 358 -18.39 -0.66 -2.32
CA GLN B 358 -19.15 0.27 -3.16
C GLN B 358 -19.32 1.62 -2.50
N LEU B 359 -19.57 1.64 -1.19
CA LEU B 359 -19.75 2.89 -0.44
C LEU B 359 -18.46 3.69 -0.43
N ARG B 360 -17.35 3.02 -0.08
CA ARG B 360 -16.02 3.66 -0.21
C ARG B 360 -15.76 4.23 -1.60
N ASN B 361 -15.99 3.44 -2.65
CA ASN B 361 -15.72 3.89 -4.04
C ASN B 361 -16.47 5.23 -4.33
N ASN B 362 -17.76 5.26 -3.99
CA ASN B 362 -18.58 6.45 -4.18
C ASN B 362 -18.18 7.66 -3.34
N VAL B 363 -17.79 7.44 -2.08
CA VAL B 363 -17.31 8.52 -1.26
C VAL B 363 -16.02 9.03 -1.87
N GLU B 364 -15.12 8.13 -2.27
CA GLU B 364 -13.87 8.55 -2.88
C GLU B 364 -14.22 9.35 -4.13
N ARG B 365 -15.16 8.86 -4.93
CA ARG B 365 -15.53 9.60 -6.15
C ARG B 365 -15.96 11.03 -5.88
N LEU B 366 -16.79 11.26 -4.85
CA LEU B 366 -17.27 12.61 -4.51
C LEU B 366 -16.15 13.55 -4.07
N MET B 367 -15.22 13.03 -3.30
CA MET B 367 -14.05 13.78 -2.89
C MET B 367 -13.13 14.17 -4.04
N ILE B 368 -13.03 13.32 -5.04
CA ILE B 368 -12.25 13.66 -6.21
C ILE B 368 -12.95 14.77 -7.00
N LEU B 369 -14.26 14.62 -7.24
CA LEU B 369 -15.04 15.60 -8.02
C LEU B 369 -15.09 16.96 -7.37
N THR B 370 -15.11 16.99 -6.04
CA THR B 370 -15.17 18.24 -5.29
C THR B 370 -13.80 18.72 -4.80
N ARG B 371 -12.72 18.03 -5.17
CA ARG B 371 -11.35 18.51 -4.90
C ARG B 371 -11.21 19.88 -5.53
N GLY B 372 -10.79 20.87 -4.74
CA GLY B 372 -10.72 22.26 -5.19
C GLY B 372 -12.05 23.03 -5.33
N ASP B 373 -12.88 22.93 -4.29
CA ASP B 373 -14.05 23.80 -4.10
C ASP B 373 -13.85 24.48 -2.73
N ASP B 374 -14.68 25.47 -2.41
CA ASP B 374 -14.67 26.10 -1.07
C ASP B 374 -14.92 25.03 0.03
N PRO B 375 -13.98 24.83 0.98
CA PRO B 375 -14.17 23.80 2.03
C PRO B 375 -15.48 23.87 2.83
N ASP B 376 -15.97 25.08 3.09
CA ASP B 376 -17.27 25.30 3.74
C ASP B 376 -18.50 24.92 2.86
N GLU B 377 -18.29 24.73 1.56
CA GLU B 377 -19.35 24.29 0.63
C GLU B 377 -19.67 22.78 0.81
N LEU B 378 -20.94 22.44 0.66
CA LEU B 378 -21.45 21.08 0.90
C LEU B 378 -21.44 20.19 -0.34
N VAL B 379 -21.21 18.89 -0.13
CA VAL B 379 -21.43 17.90 -1.19
C VAL B 379 -22.95 17.74 -1.33
N THR B 380 -23.45 17.92 -2.56
CA THR B 380 -24.87 17.94 -2.82
C THR B 380 -25.27 16.69 -3.55
N ALA B 381 -26.57 16.44 -3.55
CA ALA B 381 -27.16 15.27 -4.21
C ALA B 381 -27.07 15.28 -5.74
N ASP B 382 -26.86 16.46 -6.32
CA ASP B 382 -26.52 16.64 -7.75
C ASP B 382 -25.38 15.71 -8.23
N LEU B 383 -24.37 15.53 -7.37
CA LEU B 383 -23.14 14.82 -7.72
C LEU B 383 -23.20 13.30 -7.74
N LEU B 384 -24.24 12.70 -7.17
CA LEU B 384 -24.34 11.24 -7.10
C LEU B 384 -24.65 10.68 -8.48
N PRO B 385 -24.28 9.41 -8.75
CA PRO B 385 -24.54 8.90 -10.10
C PRO B 385 -25.96 8.39 -10.33
N ALA B 386 -26.21 8.00 -11.58
CA ALA B 386 -27.50 7.50 -12.04
C ALA B 386 -27.93 6.19 -11.37
N GLU B 387 -27.00 5.28 -11.07
CA GLU B 387 -27.45 4.06 -10.36
C GLU B 387 -28.01 4.39 -8.97
N ILE B 388 -27.38 5.34 -8.27
CA ILE B 388 -27.87 5.73 -6.94
C ILE B 388 -29.08 6.64 -7.09
N GLY B 389 -30.01 6.52 -6.16
CA GLY B 389 -31.17 7.42 -6.07
C GLY B 389 -32.09 7.45 -7.28
N ASP B 400 -25.98 0.03 -25.97
CA ASP B 400 -24.99 -1.02 -25.66
C ASP B 400 -23.54 -0.54 -25.76
N GLN B 401 -23.20 -0.02 -26.95
CA GLN B 401 -21.86 0.40 -27.33
C GLN B 401 -21.76 1.92 -27.29
N HIS B 402 -20.65 2.47 -26.82
CA HIS B 402 -20.45 3.92 -26.87
C HIS B 402 -20.02 4.30 -28.30
N ILE B 403 -20.41 5.50 -28.70
CA ILE B 403 -20.07 6.06 -30.02
C ILE B 403 -18.55 6.16 -30.29
N MET B 404 -17.79 6.44 -29.24
CA MET B 404 -16.36 6.61 -29.32
C MET B 404 -15.58 5.33 -29.64
N ALA B 405 -16.25 4.18 -29.50
CA ALA B 405 -15.67 2.89 -29.85
C ALA B 405 -15.94 2.51 -31.29
N LEU B 406 -16.66 3.36 -32.02
CA LEU B 406 -17.08 3.11 -33.42
C LEU B 406 -16.30 3.95 -34.44
N PRO B 407 -16.01 3.37 -35.63
CA PRO B 407 -15.42 4.14 -36.72
C PRO B 407 -16.41 5.19 -37.23
N LEU B 408 -16.00 6.09 -38.12
CA LEU B 408 -16.81 7.30 -38.43
C LEU B 408 -18.22 7.00 -38.95
N ARG B 409 -18.31 6.20 -39.99
CA ARG B 409 -19.61 5.92 -40.62
C ARG B 409 -20.61 5.40 -39.60
N GLU B 410 -20.18 4.45 -38.78
CA GLU B 410 -21.02 3.79 -37.80
C GLU B 410 -21.37 4.71 -36.64
N ALA B 411 -20.44 5.59 -36.29
CA ALA B 411 -20.64 6.53 -35.19
C ALA B 411 -21.66 7.58 -35.56
N ARG B 412 -21.50 8.10 -36.77
CA ARG B 412 -22.45 9.04 -37.35
C ARG B 412 -23.85 8.44 -37.45
N GLU B 413 -23.96 7.14 -37.78
CA GLU B 413 -25.26 6.46 -37.88
C GLU B 413 -25.91 6.26 -36.53
N ARG B 414 -25.11 5.90 -35.53
CA ARG B 414 -25.59 5.84 -34.16
C ARG B 414 -26.13 7.21 -33.73
N PHE B 415 -25.37 8.26 -34.04
CA PHE B 415 -25.74 9.63 -33.68
C PHE B 415 -27.01 10.15 -34.35
N GLU B 416 -27.16 9.91 -35.66
CA GLU B 416 -28.41 10.25 -36.36
C GLU B 416 -29.63 9.53 -35.73
N LYS B 417 -29.49 8.23 -35.47
CA LYS B 417 -30.55 7.43 -34.89
C LYS B 417 -30.97 7.98 -33.54
N GLU B 418 -30.02 8.19 -32.65
CA GLU B 418 -30.37 8.59 -31.29
C GLU B 418 -30.84 10.03 -31.26
N TYR B 419 -30.34 10.85 -32.18
CA TYR B 419 -30.79 12.25 -32.31
C TYR B 419 -32.26 12.25 -32.76
N LEU B 420 -32.57 11.44 -33.77
CA LEU B 420 -33.94 11.37 -34.25
C LEU B 420 -34.94 10.87 -33.19
N ILE B 421 -34.56 9.83 -32.44
CA ILE B 421 -35.40 9.29 -31.37
C ILE B 421 -35.66 10.36 -30.30
N ALA B 422 -34.60 11.03 -29.87
CA ALA B 422 -34.69 12.13 -28.92
C ALA B 422 -35.63 13.22 -29.38
N GLN B 423 -35.46 13.66 -30.62
CA GLN B 423 -36.35 14.70 -31.20
C GLN B 423 -37.78 14.19 -31.29
N ILE B 424 -37.97 12.94 -31.74
CA ILE B 424 -39.32 12.36 -31.78
C ILE B 424 -40.00 12.39 -30.39
N ASN B 425 -39.30 11.95 -29.34
CA ASN B 425 -39.87 12.01 -28.00
C ASN B 425 -40.17 13.46 -27.61
N ARG B 426 -39.22 14.38 -27.78
CA ARG B 426 -39.40 15.84 -27.54
C ARG B 426 -40.62 16.45 -28.21
N PHE B 427 -40.97 15.96 -29.40
CA PHE B 427 -42.25 16.36 -30.08
C PHE B 427 -43.46 15.43 -29.77
N GLY B 428 -43.31 14.54 -28.79
CA GLY B 428 -44.37 13.64 -28.32
C GLY B 428 -44.87 12.61 -29.32
N GLY B 429 -43.99 12.12 -30.17
CA GLY B 429 -44.35 11.09 -31.14
C GLY B 429 -44.87 11.62 -32.48
N ASN B 430 -44.97 12.95 -32.60
CA ASN B 430 -45.57 13.57 -33.80
C ASN B 430 -44.48 13.66 -34.89
N ILE B 431 -44.53 12.74 -35.85
CA ILE B 431 -43.48 12.61 -36.86
C ILE B 431 -43.42 13.83 -37.79
N SER B 432 -44.58 14.37 -38.17
CA SER B 432 -44.62 15.50 -39.11
C SER B 432 -43.97 16.76 -38.53
N ARG B 433 -44.19 17.00 -37.23
CA ARG B 433 -43.58 18.09 -36.49
C ARG B 433 -42.09 17.87 -36.32
N THR B 434 -41.71 16.62 -36.05
CA THR B 434 -40.30 16.27 -35.92
C THR B 434 -39.58 16.49 -37.26
N ALA B 435 -40.16 15.93 -38.33
CA ALA B 435 -39.67 16.14 -39.70
C ALA B 435 -39.34 17.61 -39.97
N GLU B 436 -40.33 18.47 -39.73
CA GLU B 436 -40.20 19.88 -40.06
C GLU B 436 -39.05 20.49 -39.30
N PHE B 437 -38.95 20.17 -38.01
CA PHE B 437 -37.94 20.74 -37.18
C PHE B 437 -36.57 20.20 -37.57
N VAL B 438 -36.42 18.89 -37.68
CA VAL B 438 -35.09 18.32 -37.97
C VAL B 438 -34.59 18.64 -39.38
N GLY B 439 -35.49 19.04 -40.28
CA GLY B 439 -35.10 19.45 -41.63
C GLY B 439 -35.45 18.50 -42.75
N MET B 440 -36.33 17.54 -42.49
CA MET B 440 -36.70 16.50 -43.50
C MET B 440 -38.16 16.56 -43.88
N GLU B 441 -38.46 16.07 -45.08
CA GLU B 441 -39.83 15.81 -45.52
C GLU B 441 -40.37 14.57 -44.76
N ARG B 442 -41.66 14.54 -44.43
CA ARG B 442 -42.21 13.46 -43.56
C ARG B 442 -41.93 12.03 -44.07
N SER B 443 -42.33 11.70 -45.29
CA SER B 443 -42.09 10.35 -45.77
C SER B 443 -40.60 9.99 -45.66
N ALA B 444 -39.71 10.95 -45.90
CA ALA B 444 -38.25 10.71 -45.83
C ALA B 444 -37.79 10.41 -44.41
N LEU B 445 -38.38 11.08 -43.42
CA LEU B 445 -38.12 10.73 -42.01
C LEU B 445 -38.53 9.27 -41.70
N HIS B 446 -39.73 8.87 -42.14
CA HIS B 446 -40.21 7.48 -41.96
C HIS B 446 -39.25 6.49 -42.60
N ARG B 447 -38.83 6.74 -43.85
CA ARG B 447 -37.89 5.84 -44.55
C ARG B 447 -36.55 5.76 -43.84
N LYS B 448 -35.98 6.92 -43.49
CA LYS B 448 -34.74 6.99 -42.72
C LYS B 448 -34.84 6.23 -41.41
N LEU B 449 -35.91 6.45 -40.65
CA LEU B 449 -36.09 5.76 -39.33
C LEU B 449 -36.05 4.23 -39.52
N LYS B 450 -36.78 3.74 -40.50
CA LYS B 450 -36.80 2.32 -40.83
C LYS B 450 -35.38 1.81 -41.16
N SER B 451 -34.69 2.51 -42.06
CA SER B 451 -33.32 2.16 -42.46
C SER B 451 -32.28 2.15 -41.32
N LEU B 452 -32.55 2.92 -40.27
CA LEU B 452 -31.72 2.90 -39.06
C LEU B 452 -32.17 1.87 -38.03
N GLY B 453 -33.21 1.09 -38.33
CA GLY B 453 -33.77 0.16 -37.36
C GLY B 453 -34.51 0.86 -36.24
N VAL B 454 -35.15 1.98 -36.60
CA VAL B 454 -36.14 2.69 -35.76
C VAL B 454 -35.45 3.53 -34.69
#